data_2KZ9
#
_entry.id   2KZ9
#
_entity_poly.entity_id   1
_entity_poly.type   'polypeptide(L)'
_entity_poly.pdbx_seq_one_letter_code
;MASAITALTPNQVNDELNKMQAFIRKEAEEKAKEIQLKADQEYEIEKTNIVRNETNNIDGNFKSKLKKA
;
_entity_poly.pdbx_strand_id   A
#
# COMPACT_ATOMS: atom_id res chain seq x y z
N MET A 1 -31.51 25.14 -8.93
CA MET A 1 -30.44 24.28 -9.41
C MET A 1 -30.91 23.43 -10.59
N ALA A 2 -31.82 23.98 -11.39
CA ALA A 2 -32.36 23.27 -12.55
C ALA A 2 -32.90 21.91 -12.15
N SER A 3 -33.36 21.80 -10.90
CA SER A 3 -33.90 20.54 -10.40
C SER A 3 -35.38 20.68 -10.07
N ALA A 4 -36.05 21.62 -10.74
CA ALA A 4 -37.46 21.85 -10.51
C ALA A 4 -38.31 20.67 -10.99
N ILE A 5 -37.85 20.03 -12.06
CA ILE A 5 -38.57 18.89 -12.62
C ILE A 5 -38.70 17.77 -11.59
N THR A 6 -37.62 17.52 -10.85
CA THR A 6 -37.61 16.48 -9.83
C THR A 6 -38.18 15.17 -10.38
N ALA A 7 -37.96 14.93 -11.67
CA ALA A 7 -38.44 13.72 -12.32
C ALA A 7 -37.28 12.87 -12.82
N LEU A 8 -36.15 13.51 -13.09
CA LEU A 8 -34.97 12.81 -13.57
C LEU A 8 -34.02 12.48 -12.43
N THR A 9 -34.57 12.35 -11.22
CA THR A 9 -33.78 12.04 -10.04
C THR A 9 -34.60 11.27 -9.02
N PRO A 10 -34.95 10.02 -9.35
CA PRO A 10 -35.74 9.16 -8.47
C PRO A 10 -34.96 8.71 -7.25
N ASN A 11 -35.53 7.78 -6.49
CA ASN A 11 -34.89 7.26 -5.29
C ASN A 11 -33.98 6.08 -5.62
N GLN A 12 -34.33 5.37 -6.68
CA GLN A 12 -33.54 4.21 -7.12
C GLN A 12 -32.10 4.59 -7.37
N VAL A 13 -31.90 5.71 -8.05
CA VAL A 13 -30.55 6.19 -8.36
C VAL A 13 -29.82 6.62 -7.11
N ASN A 14 -30.56 7.22 -6.18
CA ASN A 14 -29.97 7.69 -4.92
C ASN A 14 -29.39 6.52 -4.12
N ASP A 15 -30.25 5.55 -3.79
CA ASP A 15 -29.83 4.39 -3.04
C ASP A 15 -28.76 3.61 -3.79
N GLU A 16 -28.97 3.43 -5.08
CA GLU A 16 -28.03 2.70 -5.92
C GLU A 16 -26.63 3.28 -5.79
N LEU A 17 -26.53 4.60 -5.90
CA LEU A 17 -25.24 5.29 -5.79
C LEU A 17 -24.70 5.22 -4.36
N ASN A 18 -25.62 5.23 -3.39
CA ASN A 18 -25.23 5.17 -1.98
C ASN A 18 -24.44 3.90 -1.69
N LYS A 19 -25.06 2.75 -1.93
CA LYS A 19 -24.41 1.47 -1.69
C LYS A 19 -23.24 1.27 -2.65
N MET A 20 -23.46 1.53 -3.93
CA MET A 20 -22.42 1.39 -4.94
C MET A 20 -21.17 2.16 -4.55
N GLN A 21 -21.35 3.45 -4.26
CA GLN A 21 -20.23 4.30 -3.87
C GLN A 21 -19.56 3.79 -2.60
N ALA A 22 -20.39 3.43 -1.62
CA ALA A 22 -19.88 2.92 -0.35
C ALA A 22 -19.02 1.67 -0.56
N PHE A 23 -19.52 0.75 -1.36
CA PHE A 23 -18.80 -0.49 -1.64
C PHE A 23 -17.47 -0.20 -2.32
N ILE A 24 -17.49 0.69 -3.31
CA ILE A 24 -16.28 1.05 -4.03
C ILE A 24 -15.32 1.82 -3.13
N ARG A 25 -15.87 2.54 -2.16
CA ARG A 25 -15.06 3.32 -1.22
C ARG A 25 -14.26 2.42 -0.30
N LYS A 26 -14.93 1.43 0.28
CA LYS A 26 -14.28 0.49 1.19
C LYS A 26 -13.33 -0.41 0.43
N GLU A 27 -13.77 -0.92 -0.72
CA GLU A 27 -12.94 -1.80 -1.54
C GLU A 27 -11.69 -1.09 -2.01
N ALA A 28 -11.86 0.16 -2.47
CA ALA A 28 -10.74 0.94 -2.96
C ALA A 28 -9.77 1.28 -1.83
N GLU A 29 -10.31 1.72 -0.71
CA GLU A 29 -9.49 2.08 0.45
C GLU A 29 -8.76 0.86 0.99
N GLU A 30 -9.48 -0.24 1.16
CA GLU A 30 -8.88 -1.47 1.67
C GLU A 30 -7.77 -1.97 0.75
N LYS A 31 -8.06 -2.00 -0.56
CA LYS A 31 -7.08 -2.44 -1.54
C LYS A 31 -5.84 -1.55 -1.52
N ALA A 32 -6.06 -0.25 -1.45
CA ALA A 32 -4.95 0.71 -1.42
C ALA A 32 -4.08 0.49 -0.19
N LYS A 33 -4.72 0.24 0.95
CA LYS A 33 -4.00 0.03 2.20
C LYS A 33 -3.18 -1.26 2.12
N GLU A 34 -3.77 -2.31 1.58
CA GLU A 34 -3.09 -3.59 1.45
C GLU A 34 -1.85 -3.47 0.57
N ILE A 35 -2.02 -2.83 -0.59
CA ILE A 35 -0.92 -2.64 -1.53
C ILE A 35 0.10 -1.65 -0.98
N GLN A 36 -0.38 -0.66 -0.24
CA GLN A 36 0.49 0.36 0.34
C GLN A 36 1.34 -0.23 1.46
N LEU A 37 0.70 -0.99 2.35
CA LEU A 37 1.40 -1.60 3.47
C LEU A 37 2.30 -2.74 2.99
N LYS A 38 1.87 -3.42 1.93
CA LYS A 38 2.64 -4.53 1.38
C LYS A 38 3.90 -4.02 0.68
N ALA A 39 3.74 -2.99 -0.15
CA ALA A 39 4.86 -2.41 -0.87
C ALA A 39 5.83 -1.71 0.09
N ASP A 40 5.28 -0.97 1.04
CA ASP A 40 6.09 -0.26 2.02
C ASP A 40 6.85 -1.24 2.91
N GLN A 41 6.17 -2.29 3.34
CA GLN A 41 6.79 -3.30 4.20
C GLN A 41 7.90 -4.04 3.46
N GLU A 42 7.61 -4.43 2.22
CA GLU A 42 8.59 -5.15 1.41
C GLU A 42 9.76 -4.25 1.03
N TYR A 43 9.47 -2.96 0.86
CA TYR A 43 10.49 -1.99 0.49
C TYR A 43 11.45 -1.75 1.65
N GLU A 44 10.89 -1.60 2.85
CA GLU A 44 11.70 -1.37 4.04
C GLU A 44 12.53 -2.60 4.40
N ILE A 45 11.88 -3.76 4.39
CA ILE A 45 12.56 -5.02 4.71
C ILE A 45 13.65 -5.33 3.69
N GLU A 46 13.33 -5.15 2.41
CA GLU A 46 14.29 -5.41 1.34
C GLU A 46 15.48 -4.45 1.43
N LYS A 47 15.19 -3.17 1.60
CA LYS A 47 16.24 -2.15 1.71
C LYS A 47 17.17 -2.46 2.87
N THR A 48 16.58 -2.76 4.03
CA THR A 48 17.37 -3.07 5.22
C THR A 48 18.20 -4.33 5.02
N ASN A 49 17.61 -5.32 4.35
CA ASN A 49 18.31 -6.58 4.10
C ASN A 49 19.54 -6.35 3.23
N ILE A 50 19.38 -5.55 2.18
CA ILE A 50 20.48 -5.26 1.28
C ILE A 50 21.56 -4.44 1.97
N VAL A 51 21.14 -3.43 2.72
CA VAL A 51 22.07 -2.57 3.45
C VAL A 51 22.82 -3.36 4.52
N ARG A 52 22.10 -4.23 5.22
CA ARG A 52 22.69 -5.04 6.27
C ARG A 52 23.71 -6.02 5.69
N ASN A 53 23.32 -6.71 4.63
CA ASN A 53 24.19 -7.69 3.99
C ASN A 53 25.43 -7.01 3.40
N GLU A 54 25.22 -5.85 2.79
CA GLU A 54 26.31 -5.10 2.19
C GLU A 54 27.29 -4.61 3.25
N THR A 55 26.75 -4.04 4.34
CA THR A 55 27.58 -3.55 5.42
C THR A 55 28.39 -4.66 6.07
N ASN A 56 27.75 -5.81 6.29
CA ASN A 56 28.42 -6.95 6.90
C ASN A 56 29.48 -7.52 5.96
N ASN A 57 29.17 -7.52 4.66
CA ASN A 57 30.10 -8.04 3.66
C ASN A 57 31.37 -7.20 3.62
N ILE A 58 31.21 -5.90 3.41
CA ILE A 58 32.35 -4.99 3.35
C ILE A 58 33.11 -4.98 4.66
N ASP A 59 32.38 -4.92 5.77
CA ASP A 59 32.98 -4.91 7.09
C ASP A 59 33.77 -6.19 7.34
N GLY A 60 33.20 -7.32 6.94
CA GLY A 60 33.86 -8.60 7.13
C GLY A 60 35.09 -8.75 6.25
N ASN A 61 35.01 -8.23 5.03
CA ASN A 61 36.12 -8.32 4.09
C ASN A 61 37.29 -7.46 4.54
N PHE A 62 37.00 -6.24 4.96
CA PHE A 62 38.03 -5.32 5.43
C PHE A 62 38.61 -5.78 6.75
N LYS A 63 37.74 -6.28 7.64
CA LYS A 63 38.16 -6.76 8.94
C LYS A 63 39.03 -8.01 8.81
N SER A 64 38.63 -8.91 7.92
CA SER A 64 39.37 -10.14 7.70
C SER A 64 40.72 -9.85 7.04
N LYS A 65 40.70 -8.98 6.04
CA LYS A 65 41.91 -8.62 5.32
C LYS A 65 42.91 -7.91 6.23
N LEU A 66 42.39 -7.02 7.07
CA LEU A 66 43.23 -6.27 8.01
C LEU A 66 43.82 -7.19 9.06
N LYS A 67 42.98 -8.05 9.63
CA LYS A 67 43.42 -8.99 10.65
C LYS A 67 44.45 -9.98 10.08
N LYS A 68 44.15 -10.51 8.90
CA LYS A 68 45.05 -11.46 8.25
C LYS A 68 46.35 -10.79 7.86
N ALA A 69 46.26 -9.58 7.31
CA ALA A 69 47.44 -8.84 6.89
C ALA A 69 48.43 -8.68 8.05
N MET A 1 -21.76 12.30 -9.88
CA MET A 1 -22.47 12.86 -8.73
C MET A 1 -23.98 12.77 -8.94
N ALA A 2 -24.42 13.05 -10.15
CA ALA A 2 -25.85 13.00 -10.48
C ALA A 2 -26.66 13.85 -9.51
N SER A 3 -26.27 15.11 -9.36
CA SER A 3 -26.96 16.02 -8.46
C SER A 3 -26.33 17.41 -8.50
N ALA A 4 -25.00 17.44 -8.65
CA ALA A 4 -24.28 18.70 -8.71
C ALA A 4 -24.09 19.17 -10.15
N ILE A 5 -24.39 18.29 -11.09
CA ILE A 5 -24.26 18.61 -12.51
C ILE A 5 -25.58 19.12 -13.08
N THR A 6 -26.67 18.45 -12.71
CA THR A 6 -27.99 18.83 -13.19
C THR A 6 -28.93 19.15 -12.02
N ALA A 7 -28.74 18.46 -10.91
CA ALA A 7 -29.56 18.67 -9.72
C ALA A 7 -31.04 18.52 -10.04
N LEU A 8 -31.46 17.28 -10.34
CA LEU A 8 -32.85 17.01 -10.67
C LEU A 8 -33.05 15.52 -10.95
N THR A 9 -32.31 14.69 -10.24
CA THR A 9 -32.41 13.24 -10.41
C THR A 9 -33.34 12.63 -9.37
N PRO A 10 -33.84 11.41 -9.66
CA PRO A 10 -34.74 10.70 -8.76
C PRO A 10 -34.04 10.20 -7.50
N ASN A 11 -34.74 9.39 -6.72
CA ASN A 11 -34.18 8.85 -5.49
C ASN A 11 -33.36 7.60 -5.76
N GLN A 12 -33.76 6.86 -6.80
CA GLN A 12 -33.05 5.64 -7.17
C GLN A 12 -31.58 5.90 -7.43
N VAL A 13 -31.30 6.98 -8.17
CA VAL A 13 -29.93 7.35 -8.49
C VAL A 13 -29.14 7.71 -7.24
N ASN A 14 -29.78 8.45 -6.33
CA ASN A 14 -29.15 8.85 -5.09
C ASN A 14 -28.73 7.64 -4.26
N ASP A 15 -29.70 6.80 -3.93
CA ASP A 15 -29.43 5.60 -3.13
C ASP A 15 -28.43 4.69 -3.85
N GLU A 16 -28.62 4.53 -5.16
CA GLU A 16 -27.73 3.69 -5.96
C GLU A 16 -26.28 4.14 -5.82
N LEU A 17 -26.06 5.45 -5.95
CA LEU A 17 -24.71 6.00 -5.84
C LEU A 17 -24.19 5.89 -4.40
N ASN A 18 -25.10 6.00 -3.44
CA ASN A 18 -24.74 5.91 -2.03
C ASN A 18 -24.11 4.55 -1.72
N LYS A 19 -24.86 3.49 -1.96
CA LYS A 19 -24.39 2.13 -1.71
C LYS A 19 -23.19 1.80 -2.61
N MET A 20 -23.32 2.10 -3.89
CA MET A 20 -22.25 1.84 -4.85
C MET A 20 -20.95 2.50 -4.40
N GLN A 21 -21.02 3.79 -4.13
CA GLN A 21 -19.85 4.55 -3.70
C GLN A 21 -19.26 3.95 -2.42
N ALA A 22 -20.14 3.65 -1.46
CA ALA A 22 -19.71 3.07 -0.20
C ALA A 22 -18.98 1.75 -0.41
N PHE A 23 -19.56 0.89 -1.24
CA PHE A 23 -18.96 -0.42 -1.53
C PHE A 23 -17.57 -0.26 -2.14
N ILE A 24 -17.46 0.65 -3.11
CA ILE A 24 -16.18 0.90 -3.77
C ILE A 24 -15.18 1.55 -2.82
N ARG A 25 -15.70 2.30 -1.85
CA ARG A 25 -14.85 2.98 -0.88
C ARG A 25 -14.18 1.97 0.04
N LYS A 26 -14.97 1.04 0.58
CA LYS A 26 -14.46 0.02 1.48
C LYS A 26 -13.57 -0.97 0.73
N GLU A 27 -14.02 -1.38 -0.45
CA GLU A 27 -13.27 -2.33 -1.26
C GLU A 27 -11.92 -1.73 -1.69
N ALA A 28 -11.96 -0.50 -2.18
CA ALA A 28 -10.75 0.19 -2.62
C ALA A 28 -9.83 0.48 -1.44
N GLU A 29 -10.42 0.84 -0.31
CA GLU A 29 -9.64 1.16 0.89
C GLU A 29 -8.90 -0.08 1.40
N GLU A 30 -9.61 -1.21 1.45
CA GLU A 30 -9.02 -2.45 1.91
C GLU A 30 -7.93 -2.93 0.95
N LYS A 31 -8.25 -2.93 -0.34
CA LYS A 31 -7.30 -3.36 -1.37
C LYS A 31 -6.08 -2.44 -1.38
N ALA A 32 -6.32 -1.14 -1.34
CA ALA A 32 -5.23 -0.17 -1.35
C ALA A 32 -4.33 -0.35 -0.14
N LYS A 33 -4.93 -0.53 1.03
CA LYS A 33 -4.17 -0.71 2.26
C LYS A 33 -3.34 -1.99 2.21
N GLU A 34 -3.94 -3.05 1.67
CA GLU A 34 -3.27 -4.33 1.56
C GLU A 34 -2.04 -4.23 0.66
N ILE A 35 -2.22 -3.62 -0.51
CA ILE A 35 -1.13 -3.45 -1.47
C ILE A 35 -0.11 -2.45 -0.95
N GLN A 36 -0.59 -1.43 -0.23
CA GLN A 36 0.30 -0.41 0.31
C GLN A 36 1.15 -0.97 1.44
N LEU A 37 0.52 -1.69 2.36
CA LEU A 37 1.23 -2.28 3.49
C LEU A 37 2.13 -3.43 3.02
N LYS A 38 1.68 -4.15 2.00
CA LYS A 38 2.44 -5.27 1.46
C LYS A 38 3.69 -4.78 0.75
N ALA A 39 3.51 -3.78 -0.11
CA ALA A 39 4.64 -3.22 -0.87
C ALA A 39 5.61 -2.50 0.05
N ASP A 40 5.08 -1.74 1.00
CA ASP A 40 5.91 -0.99 1.94
C ASP A 40 6.68 -1.95 2.85
N GLN A 41 5.99 -2.99 3.32
CA GLN A 41 6.62 -3.97 4.20
C GLN A 41 7.72 -4.73 3.47
N GLU A 42 7.42 -5.17 2.25
CA GLU A 42 8.38 -5.91 1.45
C GLU A 42 9.57 -5.02 1.05
N TYR A 43 9.28 -3.74 0.83
CA TYR A 43 10.32 -2.79 0.44
C TYR A 43 11.27 -2.50 1.60
N GLU A 44 10.70 -2.38 2.80
CA GLU A 44 11.50 -2.10 3.98
C GLU A 44 12.37 -3.30 4.36
N ILE A 45 11.75 -4.48 4.37
CA ILE A 45 12.47 -5.70 4.70
C ILE A 45 13.53 -6.02 3.66
N GLU A 46 13.16 -5.90 2.39
CA GLU A 46 14.07 -6.17 1.29
C GLU A 46 15.26 -5.22 1.32
N LYS A 47 14.98 -3.92 1.48
CA LYS A 47 16.01 -2.91 1.53
C LYS A 47 16.96 -3.16 2.69
N THR A 48 16.41 -3.42 3.87
CA THR A 48 17.22 -3.69 5.06
C THR A 48 18.08 -4.92 4.86
N ASN A 49 17.52 -5.94 4.21
CA ASN A 49 18.24 -7.19 3.97
C ASN A 49 19.46 -6.94 3.09
N ILE A 50 19.24 -6.31 1.95
CA ILE A 50 20.32 -6.01 1.01
C ILE A 50 21.40 -5.15 1.67
N VAL A 51 20.97 -4.13 2.40
CA VAL A 51 21.89 -3.24 3.09
C VAL A 51 22.68 -4.00 4.16
N ARG A 52 22.03 -4.94 4.81
CA ARG A 52 22.66 -5.74 5.86
C ARG A 52 23.76 -6.62 5.29
N ASN A 53 23.45 -7.32 4.21
CA ASN A 53 24.41 -8.21 3.56
C ASN A 53 25.58 -7.41 2.98
N GLU A 54 25.25 -6.33 2.26
CA GLU A 54 26.28 -5.49 1.66
C GLU A 54 27.21 -4.92 2.72
N THR A 55 26.64 -4.39 3.79
CA THR A 55 27.41 -3.82 4.88
C THR A 55 28.27 -4.87 5.56
N ASN A 56 27.68 -6.03 5.80
CA ASN A 56 28.39 -7.14 6.45
C ASN A 56 29.55 -7.62 5.59
N ASN A 57 29.34 -7.66 4.28
CA ASN A 57 30.37 -8.10 3.35
C ASN A 57 31.54 -7.12 3.33
N ILE A 58 31.23 -5.85 3.06
CA ILE A 58 32.26 -4.83 3.02
C ILE A 58 32.96 -4.69 4.36
N ASP A 59 32.17 -4.69 5.44
CA ASP A 59 32.72 -4.56 6.78
C ASP A 59 33.62 -5.75 7.12
N GLY A 60 33.17 -6.94 6.73
CA GLY A 60 33.94 -8.15 7.00
C GLY A 60 35.24 -8.19 6.22
N ASN A 61 35.20 -7.70 4.98
CA ASN A 61 36.39 -7.69 4.13
C ASN A 61 37.41 -6.68 4.63
N PHE A 62 36.94 -5.49 4.96
CA PHE A 62 37.82 -4.43 5.46
C PHE A 62 38.34 -4.77 6.85
N LYS A 63 37.48 -5.37 7.67
CA LYS A 63 37.85 -5.74 9.03
C LYS A 63 38.85 -6.89 9.01
N SER A 64 38.58 -7.90 8.19
CA SER A 64 39.46 -9.07 8.10
C SER A 64 40.79 -8.68 7.47
N LYS A 65 40.75 -7.88 6.42
CA LYS A 65 41.96 -7.44 5.73
C LYS A 65 42.79 -6.54 6.63
N LEU A 66 42.15 -5.58 7.27
CA LEU A 66 42.83 -4.66 8.17
C LEU A 66 43.48 -5.40 9.33
N LYS A 67 42.70 -6.28 9.97
CA LYS A 67 43.20 -7.06 11.10
C LYS A 67 44.33 -7.98 10.66
N LYS A 68 44.19 -8.55 9.47
CA LYS A 68 45.21 -9.45 8.93
C LYS A 68 46.50 -8.71 8.65
N ALA A 69 46.39 -7.46 8.17
CA ALA A 69 47.54 -6.65 7.86
C ALA A 69 48.38 -6.39 9.11
N MET A 1 -51.31 -2.16 -5.62
CA MET A 1 -51.28 -0.74 -5.96
C MET A 1 -50.18 -0.03 -5.18
N ALA A 2 -49.10 0.33 -5.87
CA ALA A 2 -47.99 1.03 -5.24
C ALA A 2 -47.63 2.29 -6.01
N SER A 3 -47.65 2.20 -7.33
CA SER A 3 -47.31 3.33 -8.18
C SER A 3 -48.21 4.54 -7.87
N ALA A 4 -49.46 4.46 -8.30
CA ALA A 4 -50.42 5.53 -8.06
C ALA A 4 -49.85 6.87 -8.50
N ILE A 5 -49.11 6.86 -9.61
CA ILE A 5 -48.52 8.08 -10.14
C ILE A 5 -47.77 8.85 -9.06
N THR A 6 -46.91 8.16 -8.32
CA THR A 6 -46.14 8.78 -7.25
C THR A 6 -44.93 7.93 -6.88
N ALA A 7 -44.47 7.13 -7.84
CA ALA A 7 -43.31 6.27 -7.61
C ALA A 7 -42.22 6.55 -8.64
N LEU A 8 -42.24 7.74 -9.22
CA LEU A 8 -41.25 8.13 -10.23
C LEU A 8 -39.87 8.26 -9.60
N THR A 9 -39.83 8.55 -8.31
CA THR A 9 -38.58 8.70 -7.59
C THR A 9 -38.40 7.61 -6.55
N PRO A 10 -38.15 6.37 -7.00
CA PRO A 10 -37.95 5.21 -6.13
C PRO A 10 -36.64 5.30 -5.33
N ASN A 11 -36.61 4.64 -4.18
CA ASN A 11 -35.43 4.64 -3.33
C ASN A 11 -34.42 3.60 -3.81
N GLN A 12 -34.77 2.90 -4.88
CA GLN A 12 -33.88 1.87 -5.43
C GLN A 12 -32.50 2.44 -5.74
N VAL A 13 -32.48 3.62 -6.36
CA VAL A 13 -31.22 4.28 -6.71
C VAL A 13 -30.49 4.76 -5.46
N ASN A 14 -31.26 5.15 -4.45
CA ASN A 14 -30.69 5.64 -3.20
C ASN A 14 -29.88 4.55 -2.51
N ASP A 15 -30.54 3.44 -2.18
CA ASP A 15 -29.86 2.32 -1.52
C ASP A 15 -28.79 1.73 -2.43
N GLU A 16 -29.11 1.58 -3.71
CA GLU A 16 -28.17 1.02 -4.67
C GLU A 16 -26.85 1.79 -4.66
N LEU A 17 -26.95 3.12 -4.72
CA LEU A 17 -25.77 3.98 -4.72
C LEU A 17 -25.08 3.95 -3.36
N ASN A 18 -25.88 3.82 -2.30
CA ASN A 18 -25.35 3.78 -0.95
C ASN A 18 -24.35 2.64 -0.78
N LYS A 19 -24.82 1.41 -1.01
CA LYS A 19 -23.98 0.23 -0.89
C LYS A 19 -22.90 0.23 -1.97
N MET A 20 -23.30 0.47 -3.21
CA MET A 20 -22.36 0.51 -4.33
C MET A 20 -21.20 1.44 -4.03
N GLN A 21 -21.51 2.68 -3.66
CA GLN A 21 -20.49 3.68 -3.36
C GLN A 21 -19.64 3.23 -2.18
N ALA A 22 -20.29 2.74 -1.13
CA ALA A 22 -19.61 2.28 0.07
C ALA A 22 -18.60 1.18 -0.27
N PHE A 23 -19.05 0.20 -1.06
CA PHE A 23 -18.19 -0.91 -1.46
C PHE A 23 -16.99 -0.42 -2.26
N ILE A 24 -17.25 0.48 -3.21
CA ILE A 24 -16.18 1.03 -4.04
C ILE A 24 -15.24 1.90 -3.22
N ARG A 25 -15.78 2.52 -2.17
CA ARG A 25 -14.97 3.38 -1.31
C ARG A 25 -13.97 2.56 -0.50
N LYS A 26 -14.44 1.48 0.12
CA LYS A 26 -13.59 0.62 0.91
C LYS A 26 -12.61 -0.15 0.03
N GLU A 27 -13.09 -0.56 -1.14
CA GLU A 27 -12.27 -1.31 -2.09
C GLU A 27 -11.13 -0.45 -2.62
N ALA A 28 -11.47 0.77 -3.05
CA ALA A 28 -10.49 1.70 -3.58
C ALA A 28 -9.49 2.13 -2.50
N GLU A 29 -10.02 2.49 -1.33
CA GLU A 29 -9.19 2.93 -0.22
C GLU A 29 -8.27 1.79 0.24
N GLU A 30 -8.83 0.60 0.40
CA GLU A 30 -8.07 -0.56 0.83
C GLU A 30 -6.99 -0.92 -0.19
N LYS A 31 -7.35 -0.85 -1.47
CA LYS A 31 -6.41 -1.17 -2.54
C LYS A 31 -5.25 -0.18 -2.55
N ALA A 32 -5.57 1.10 -2.40
CA ALA A 32 -4.55 2.14 -2.40
C ALA A 32 -3.60 1.98 -1.22
N LYS A 33 -4.17 1.75 -0.03
CA LYS A 33 -3.38 1.58 1.17
C LYS A 33 -2.57 0.29 1.11
N GLU A 34 -3.17 -0.75 0.55
CA GLU A 34 -2.50 -2.05 0.43
C GLU A 34 -1.27 -1.95 -0.46
N ILE A 35 -1.44 -1.32 -1.63
CA ILE A 35 -0.36 -1.15 -2.57
C ILE A 35 0.67 -0.15 -2.06
N GLN A 36 0.20 0.85 -1.33
CA GLN A 36 1.08 1.87 -0.77
C GLN A 36 1.94 1.30 0.35
N LEU A 37 1.31 0.57 1.27
CA LEU A 37 2.01 -0.03 2.39
C LEU A 37 2.90 -1.18 1.91
N LYS A 38 2.44 -1.89 0.89
CA LYS A 38 3.20 -3.02 0.35
C LYS A 38 4.46 -2.53 -0.37
N ALA A 39 4.29 -1.52 -1.22
CA ALA A 39 5.41 -0.96 -1.96
C ALA A 39 6.41 -0.28 -1.03
N ASP A 40 5.89 0.52 -0.10
CA ASP A 40 6.74 1.22 0.85
C ASP A 40 7.49 0.25 1.74
N GLN A 41 6.79 -0.79 2.21
CA GLN A 41 7.39 -1.80 3.07
C GLN A 41 8.50 -2.55 2.33
N GLU A 42 8.21 -2.93 1.09
CA GLU A 42 9.18 -3.67 0.27
C GLU A 42 10.38 -2.79 -0.06
N TYR A 43 10.14 -1.51 -0.25
CA TYR A 43 11.20 -0.56 -0.57
C TYR A 43 12.11 -0.33 0.63
N GLU A 44 11.52 -0.25 1.81
CA GLU A 44 12.28 -0.03 3.03
C GLU A 44 13.13 -1.25 3.37
N ILE A 45 12.51 -2.43 3.32
CA ILE A 45 13.20 -3.67 3.62
C ILE A 45 14.28 -3.96 2.58
N GLU A 46 13.95 -3.70 1.32
CA GLU A 46 14.89 -3.93 0.22
C GLU A 46 16.10 -3.01 0.34
N LYS A 47 15.85 -1.73 0.57
CA LYS A 47 16.93 -0.75 0.70
C LYS A 47 17.81 -1.08 1.91
N THR A 48 17.18 -1.36 3.04
CA THR A 48 17.92 -1.68 4.26
C THR A 48 18.68 -2.99 4.10
N ASN A 49 18.10 -3.92 3.35
CA ASN A 49 18.74 -5.22 3.12
C ASN A 49 20.01 -5.07 2.29
N ILE A 50 19.91 -4.32 1.19
CA ILE A 50 21.05 -4.09 0.32
C ILE A 50 22.15 -3.31 1.03
N VAL A 51 21.75 -2.26 1.74
CA VAL A 51 22.70 -1.43 2.47
C VAL A 51 23.36 -2.20 3.61
N ARG A 52 22.54 -2.94 4.36
CA ARG A 52 23.04 -3.74 5.47
C ARG A 52 23.92 -4.88 4.98
N ASN A 53 23.51 -5.50 3.88
CA ASN A 53 24.26 -6.61 3.30
C ASN A 53 25.63 -6.14 2.82
N GLU A 54 25.65 -5.02 2.11
CA GLU A 54 26.90 -4.47 1.59
C GLU A 54 27.82 -4.05 2.73
N THR A 55 27.27 -3.32 3.70
CA THR A 55 28.05 -2.84 4.84
C THR A 55 28.55 -4.01 5.68
N ASN A 56 27.67 -4.98 5.92
CA ASN A 56 28.02 -6.15 6.72
C ASN A 56 29.00 -7.05 5.96
N ASN A 57 28.90 -7.01 4.63
CA ASN A 57 29.78 -7.83 3.79
C ASN A 57 31.21 -7.30 3.81
N ILE A 58 31.35 -6.00 3.57
CA ILE A 58 32.66 -5.37 3.57
C ILE A 58 33.27 -5.36 4.96
N ASP A 59 32.47 -5.00 5.96
CA ASP A 59 32.93 -4.96 7.34
C ASP A 59 33.22 -6.36 7.86
N GLY A 60 32.34 -7.30 7.54
CA GLY A 60 32.53 -8.67 7.99
C GLY A 60 33.68 -9.35 7.30
N ASN A 61 33.84 -9.08 6.00
CA ASN A 61 34.91 -9.68 5.22
C ASN A 61 36.27 -9.14 5.66
N PHE A 62 36.36 -7.82 5.78
CA PHE A 62 37.60 -7.17 6.20
C PHE A 62 37.97 -7.56 7.63
N LYS A 63 36.98 -7.53 8.52
CA LYS A 63 37.20 -7.89 9.91
C LYS A 63 37.58 -9.36 10.05
N SER A 64 36.82 -10.23 9.39
CA SER A 64 37.09 -11.66 9.44
C SER A 64 38.49 -11.98 8.92
N LYS A 65 38.82 -11.45 7.75
CA LYS A 65 40.12 -11.67 7.14
C LYS A 65 41.24 -11.17 8.06
N LEU A 66 41.04 -9.97 8.61
CA LEU A 66 42.02 -9.36 9.49
C LEU A 66 42.26 -10.23 10.73
N LYS A 67 41.17 -10.80 11.25
CA LYS A 67 41.25 -11.66 12.43
C LYS A 67 41.92 -12.99 12.08
N LYS A 68 41.48 -13.60 11.00
CA LYS A 68 42.03 -14.88 10.56
C LYS A 68 43.53 -14.75 10.25
N ALA A 69 43.91 -13.64 9.63
CA ALA A 69 45.30 -13.38 9.29
C ALA A 69 46.14 -13.21 10.55
N MET A 1 -31.46 23.30 -21.74
CA MET A 1 -32.71 24.02 -21.89
C MET A 1 -33.74 23.53 -20.87
N ALA A 2 -33.97 22.21 -20.86
CA ALA A 2 -34.92 21.62 -19.94
C ALA A 2 -34.22 21.01 -18.73
N SER A 3 -33.10 20.32 -18.99
CA SER A 3 -32.35 19.68 -17.92
C SER A 3 -31.34 20.66 -17.30
N ALA A 4 -30.30 20.98 -18.06
CA ALA A 4 -29.26 21.91 -17.59
C ALA A 4 -28.42 21.27 -16.50
N ILE A 5 -29.00 21.08 -15.32
CA ILE A 5 -28.30 20.48 -14.20
C ILE A 5 -28.55 18.98 -14.13
N THR A 6 -29.83 18.60 -14.11
CA THR A 6 -30.20 17.19 -14.04
C THR A 6 -31.65 17.00 -14.48
N ALA A 7 -32.58 17.49 -13.68
CA ALA A 7 -34.00 17.37 -13.99
C ALA A 7 -34.43 15.90 -14.00
N LEU A 8 -33.78 15.10 -13.18
CA LEU A 8 -34.09 13.68 -13.09
C LEU A 8 -33.25 12.99 -12.02
N THR A 9 -33.40 13.44 -10.77
CA THR A 9 -32.66 12.86 -9.67
C THR A 9 -33.57 12.17 -8.67
N PRO A 10 -34.10 11.01 -9.05
CA PRO A 10 -35.00 10.22 -8.20
C PRO A 10 -34.29 9.62 -6.99
N ASN A 11 -35.00 8.76 -6.27
CA ASN A 11 -34.44 8.11 -5.10
C ASN A 11 -33.59 6.89 -5.48
N GLN A 12 -33.97 6.26 -6.59
CA GLN A 12 -33.25 5.09 -7.07
C GLN A 12 -31.78 5.42 -7.38
N VAL A 13 -31.57 6.56 -8.02
CA VAL A 13 -30.23 7.00 -8.37
C VAL A 13 -29.41 7.32 -7.13
N ASN A 14 -30.04 8.03 -6.19
CA ASN A 14 -29.37 8.41 -4.95
C ASN A 14 -28.91 7.17 -4.19
N ASP A 15 -29.85 6.30 -3.85
CA ASP A 15 -29.54 5.07 -3.12
C ASP A 15 -28.52 4.22 -3.88
N GLU A 16 -28.73 4.11 -5.20
CA GLU A 16 -27.83 3.32 -6.03
C GLU A 16 -26.39 3.81 -5.91
N LEU A 17 -26.21 5.13 -6.01
CA LEU A 17 -24.89 5.73 -5.90
C LEU A 17 -24.33 5.57 -4.49
N ASN A 18 -25.22 5.61 -3.50
CA ASN A 18 -24.82 5.47 -2.10
C ASN A 18 -24.15 4.12 -1.86
N LYS A 19 -24.89 3.05 -2.13
CA LYS A 19 -24.36 1.69 -1.95
C LYS A 19 -23.17 1.45 -2.86
N MET A 20 -23.32 1.79 -4.13
CA MET A 20 -22.26 1.60 -5.11
C MET A 20 -20.97 2.30 -4.66
N GLN A 21 -21.08 3.58 -4.34
CA GLN A 21 -19.93 4.35 -3.89
C GLN A 21 -19.35 3.77 -2.61
N ALA A 22 -20.23 3.28 -1.74
CA ALA A 22 -19.79 2.70 -0.47
C ALA A 22 -19.01 1.40 -0.70
N PHE A 23 -19.55 0.55 -1.56
CA PHE A 23 -18.89 -0.73 -1.87
C PHE A 23 -17.53 -0.50 -2.49
N ILE A 24 -17.46 0.41 -3.46
CA ILE A 24 -16.21 0.72 -4.14
C ILE A 24 -15.26 1.45 -3.22
N ARG A 25 -15.82 2.20 -2.27
CA ARG A 25 -15.01 2.96 -1.32
C ARG A 25 -14.26 2.02 -0.37
N LYS A 26 -14.97 1.05 0.19
CA LYS A 26 -14.38 0.10 1.11
C LYS A 26 -13.46 -0.87 0.37
N GLU A 27 -13.94 -1.38 -0.75
CA GLU A 27 -13.15 -2.32 -1.56
C GLU A 27 -11.84 -1.68 -2.01
N ALA A 28 -11.93 -0.46 -2.53
CA ALA A 28 -10.75 0.25 -3.01
C ALA A 28 -9.83 0.62 -1.84
N GLU A 29 -10.42 1.13 -0.77
CA GLU A 29 -9.65 1.51 0.41
C GLU A 29 -8.91 0.32 0.99
N GLU A 30 -9.62 -0.80 1.16
CA GLU A 30 -9.03 -2.00 1.71
C GLU A 30 -7.91 -2.52 0.80
N LYS A 31 -8.20 -2.60 -0.50
CA LYS A 31 -7.23 -3.08 -1.48
C LYS A 31 -6.00 -2.18 -1.51
N ALA A 32 -6.23 -0.88 -1.51
CA ALA A 32 -5.15 0.10 -1.54
C ALA A 32 -4.26 -0.03 -0.29
N LYS A 33 -4.90 -0.23 0.85
CA LYS A 33 -4.17 -0.37 2.11
C LYS A 33 -3.34 -1.64 2.12
N GLU A 34 -3.92 -2.73 1.62
CA GLU A 34 -3.22 -4.00 1.57
C GLU A 34 -1.99 -3.92 0.68
N ILE A 35 -2.17 -3.35 -0.51
CA ILE A 35 -1.06 -3.21 -1.47
C ILE A 35 -0.06 -2.18 -0.99
N GLN A 36 -0.56 -1.14 -0.31
CA GLN A 36 0.30 -0.08 0.20
C GLN A 36 1.15 -0.59 1.35
N LEU A 37 0.52 -1.28 2.30
CA LEU A 37 1.23 -1.82 3.45
C LEU A 37 2.15 -2.97 3.04
N LYS A 38 1.72 -3.74 2.06
CA LYS A 38 2.50 -4.87 1.56
C LYS A 38 3.75 -4.39 0.84
N ALA A 39 3.58 -3.43 -0.06
CA ALA A 39 4.69 -2.88 -0.82
C ALA A 39 5.67 -2.14 0.09
N ASP A 40 5.12 -1.29 0.97
CA ASP A 40 5.95 -0.53 1.89
C ASP A 40 6.70 -1.45 2.84
N GLN A 41 6.01 -2.46 3.35
CA GLN A 41 6.62 -3.41 4.28
C GLN A 41 7.74 -4.18 3.60
N GLU A 42 7.49 -4.64 2.38
CA GLU A 42 8.48 -5.40 1.62
C GLU A 42 9.67 -4.53 1.25
N TYR A 43 9.40 -3.25 1.00
CA TYR A 43 10.45 -2.31 0.63
C TYR A 43 11.35 -2.00 1.82
N GLU A 44 10.73 -1.87 2.99
CA GLU A 44 11.48 -1.56 4.22
C GLU A 44 12.34 -2.75 4.63
N ILE A 45 11.74 -3.94 4.63
CA ILE A 45 12.46 -5.15 5.01
C ILE A 45 13.57 -5.47 4.01
N GLU A 46 13.25 -5.32 2.72
CA GLU A 46 14.22 -5.59 1.66
C GLU A 46 15.40 -4.63 1.75
N LYS A 47 15.10 -3.35 1.89
CA LYS A 47 16.15 -2.33 1.99
C LYS A 47 17.03 -2.57 3.20
N THR A 48 16.41 -2.82 4.35
CA THR A 48 17.15 -3.07 5.58
C THR A 48 18.01 -4.31 5.45
N ASN A 49 17.49 -5.34 4.79
CA ASN A 49 18.21 -6.59 4.61
C ASN A 49 19.46 -6.37 3.76
N ILE A 50 19.29 -5.66 2.64
CA ILE A 50 20.40 -5.38 1.75
C ILE A 50 21.47 -4.55 2.44
N VAL A 51 21.04 -3.52 3.16
CA VAL A 51 21.96 -2.64 3.87
C VAL A 51 22.75 -3.41 4.93
N ARG A 52 22.05 -4.26 5.68
CA ARG A 52 22.69 -5.06 6.72
C ARG A 52 23.69 -6.04 6.12
N ASN A 53 23.26 -6.76 5.09
CA ASN A 53 24.12 -7.73 4.42
C ASN A 53 25.33 -7.04 3.79
N GLU A 54 25.07 -5.95 3.07
CA GLU A 54 26.14 -5.20 2.41
C GLU A 54 27.15 -4.69 3.43
N THR A 55 26.65 -4.09 4.50
CA THR A 55 27.51 -3.55 5.54
C THR A 55 28.36 -4.65 6.17
N ASN A 56 27.73 -5.78 6.46
CA ASN A 56 28.43 -6.91 7.07
C ASN A 56 29.46 -7.49 6.11
N ASN A 57 29.13 -7.49 4.83
CA ASN A 57 30.04 -8.02 3.80
C ASN A 57 31.27 -7.14 3.67
N ILE A 58 31.05 -5.87 3.34
CA ILE A 58 32.15 -4.92 3.19
C ILE A 58 32.99 -4.83 4.46
N ASP A 59 32.31 -4.80 5.60
CA ASP A 59 33.00 -4.72 6.88
C ASP A 59 33.81 -5.98 7.15
N GLY A 60 33.25 -7.13 6.78
CA GLY A 60 33.93 -8.39 6.99
C GLY A 60 35.14 -8.55 6.10
N ASN A 61 35.03 -8.07 4.85
CA ASN A 61 36.13 -8.16 3.91
C ASN A 61 37.26 -7.22 4.29
N PHE A 62 36.92 -5.99 4.62
CA PHE A 62 37.90 -4.99 5.00
C PHE A 62 38.59 -5.38 6.31
N LYS A 63 37.80 -5.83 7.27
CA LYS A 63 38.33 -6.23 8.57
C LYS A 63 39.20 -7.48 8.44
N SER A 64 38.70 -8.46 7.70
CA SER A 64 39.43 -9.71 7.50
C SER A 64 40.76 -9.45 6.78
N LYS A 65 40.72 -8.57 5.78
CA LYS A 65 41.91 -8.23 5.02
C LYS A 65 42.92 -7.48 5.89
N LEU A 66 42.43 -6.49 6.63
CA LEU A 66 43.28 -5.69 7.50
C LEU A 66 43.95 -6.56 8.56
N LYS A 67 43.16 -7.44 9.18
CA LYS A 67 43.68 -8.34 10.20
C LYS A 67 44.62 -9.37 9.59
N LYS A 68 44.26 -9.89 8.42
CA LYS A 68 45.07 -10.89 7.74
C LYS A 68 46.46 -10.34 7.44
N ALA A 69 46.52 -9.11 6.92
CA ALA A 69 47.79 -8.49 6.60
C ALA A 69 48.64 -8.29 7.85
N MET A 1 -43.25 27.28 -6.69
CA MET A 1 -41.90 26.86 -7.03
C MET A 1 -41.10 26.49 -5.78
N ALA A 2 -40.46 25.34 -5.81
CA ALA A 2 -39.67 24.88 -4.67
C ALA A 2 -38.99 23.55 -4.98
N SER A 3 -39.78 22.48 -5.04
CA SER A 3 -39.27 21.16 -5.32
C SER A 3 -38.75 21.06 -6.76
N ALA A 4 -39.69 21.00 -7.70
CA ALA A 4 -39.33 20.91 -9.12
C ALA A 4 -38.35 19.78 -9.37
N ILE A 5 -38.52 18.68 -8.63
CA ILE A 5 -37.65 17.52 -8.77
C ILE A 5 -36.17 17.93 -8.72
N THR A 6 -35.73 18.39 -7.55
CA THR A 6 -34.35 18.81 -7.37
C THR A 6 -33.39 17.64 -7.55
N ALA A 7 -33.85 16.44 -7.24
CA ALA A 7 -33.04 15.24 -7.37
C ALA A 7 -32.80 14.89 -8.84
N LEU A 8 -33.77 15.25 -9.68
CA LEU A 8 -33.68 14.98 -11.11
C LEU A 8 -33.63 13.47 -11.38
N THR A 9 -34.02 12.69 -10.37
CA THR A 9 -34.04 11.23 -10.50
C THR A 9 -34.80 10.59 -9.35
N PRO A 10 -35.24 9.34 -9.56
CA PRO A 10 -35.99 8.59 -8.56
C PRO A 10 -35.13 8.19 -7.36
N ASN A 11 -35.71 7.42 -6.44
CA ASN A 11 -34.99 6.97 -5.26
C ASN A 11 -34.07 5.80 -5.59
N GLN A 12 -34.42 5.05 -6.63
CA GLN A 12 -33.62 3.91 -7.06
C GLN A 12 -32.19 4.33 -7.36
N VAL A 13 -32.04 5.43 -8.08
CA VAL A 13 -30.72 5.95 -8.45
C VAL A 13 -29.95 6.38 -7.21
N ASN A 14 -30.61 7.11 -6.31
CA ASN A 14 -29.99 7.58 -5.09
C ASN A 14 -29.40 6.42 -4.29
N ASP A 15 -30.26 5.48 -3.91
CA ASP A 15 -29.85 4.33 -3.13
C ASP A 15 -28.76 3.54 -3.87
N GLU A 16 -28.96 3.36 -5.18
CA GLU A 16 -28.00 2.63 -6.00
C GLU A 16 -26.60 3.22 -5.84
N LEU A 17 -26.50 4.54 -5.95
CA LEU A 17 -25.21 5.22 -5.82
C LEU A 17 -24.70 5.15 -4.40
N ASN A 18 -25.62 5.14 -3.44
CA ASN A 18 -25.26 5.09 -2.02
C ASN A 18 -24.47 3.82 -1.72
N LYS A 19 -25.08 2.67 -1.98
CA LYS A 19 -24.43 1.39 -1.74
C LYS A 19 -23.23 1.20 -2.67
N MET A 20 -23.43 1.47 -3.95
CA MET A 20 -22.37 1.34 -4.94
C MET A 20 -21.13 2.12 -4.52
N GLN A 21 -21.32 3.41 -4.22
CA GLN A 21 -20.23 4.28 -3.81
C GLN A 21 -19.58 3.76 -2.53
N ALA A 22 -20.42 3.39 -1.56
CA ALA A 22 -19.93 2.88 -0.29
C ALA A 22 -19.06 1.64 -0.48
N PHE A 23 -19.55 0.71 -1.30
CA PHE A 23 -18.81 -0.52 -1.57
C PHE A 23 -17.47 -0.22 -2.22
N ILE A 24 -17.48 0.67 -3.20
CA ILE A 24 -16.26 1.04 -3.91
C ILE A 24 -15.30 1.80 -2.99
N ARG A 25 -15.87 2.51 -2.02
CA ARG A 25 -15.07 3.28 -1.07
C ARG A 25 -14.29 2.35 -0.14
N LYS A 26 -14.99 1.37 0.42
CA LYS A 26 -14.37 0.41 1.34
C LYS A 26 -13.37 -0.48 0.59
N GLU A 27 -13.78 -0.95 -0.59
CA GLU A 27 -12.93 -1.81 -1.40
C GLU A 27 -11.67 -1.08 -1.83
N ALA A 28 -11.84 0.16 -2.29
CA ALA A 28 -10.70 0.98 -2.73
C ALA A 28 -9.76 1.28 -1.58
N GLU A 29 -10.33 1.68 -0.45
CA GLU A 29 -9.53 2.01 0.73
C GLU A 29 -8.76 0.78 1.22
N GLU A 30 -9.46 -0.35 1.34
CA GLU A 30 -8.84 -1.58 1.80
C GLU A 30 -7.71 -2.00 0.86
N LYS A 31 -7.96 -1.97 -0.44
CA LYS A 31 -6.97 -2.34 -1.43
C LYS A 31 -5.77 -1.39 -1.38
N ALA A 32 -6.05 -0.10 -1.23
CA ALA A 32 -5.01 0.91 -1.16
C ALA A 32 -4.09 0.67 0.04
N LYS A 33 -4.69 0.35 1.18
CA LYS A 33 -3.94 0.10 2.40
C LYS A 33 -3.11 -1.18 2.28
N GLU A 34 -3.71 -2.21 1.70
CA GLU A 34 -3.02 -3.49 1.52
C GLU A 34 -1.81 -3.33 0.62
N ILE A 35 -2.00 -2.66 -0.52
CA ILE A 35 -0.92 -2.44 -1.47
C ILE A 35 0.11 -1.46 -0.92
N GLN A 36 -0.38 -0.49 -0.14
CA GLN A 36 0.50 0.51 0.45
C GLN A 36 1.38 -0.10 1.54
N LEU A 37 0.75 -0.87 2.42
CA LEU A 37 1.48 -1.51 3.51
C LEU A 37 2.38 -2.64 2.99
N LYS A 38 1.92 -3.30 1.93
CA LYS A 38 2.68 -4.39 1.32
C LYS A 38 3.93 -3.86 0.61
N ALA A 39 3.75 -2.82 -0.19
CA ALA A 39 4.85 -2.21 -0.92
C ALA A 39 5.83 -1.54 0.03
N ASP A 40 5.31 -0.82 1.01
CA ASP A 40 6.14 -0.12 1.98
C ASP A 40 6.92 -1.12 2.84
N GLN A 41 6.23 -2.17 3.28
CA GLN A 41 6.86 -3.19 4.10
C GLN A 41 7.96 -3.92 3.33
N GLU A 42 7.66 -4.29 2.09
CA GLU A 42 8.62 -4.99 1.26
C GLU A 42 9.80 -4.10 0.90
N TYR A 43 9.52 -2.81 0.74
CA TYR A 43 10.56 -1.84 0.39
C TYR A 43 11.50 -1.61 1.58
N GLU A 44 10.93 -1.55 2.78
CA GLU A 44 11.72 -1.32 3.98
C GLU A 44 12.59 -2.54 4.29
N ILE A 45 11.99 -3.73 4.24
CA ILE A 45 12.72 -4.96 4.51
C ILE A 45 13.79 -5.21 3.45
N GLU A 46 13.42 -5.02 2.19
CA GLU A 46 14.35 -5.22 1.08
C GLU A 46 15.53 -4.25 1.18
N LYS A 47 15.22 -2.98 1.40
CA LYS A 47 16.25 -1.96 1.51
C LYS A 47 17.20 -2.27 2.66
N THR A 48 16.64 -2.59 3.82
CA THR A 48 17.43 -2.91 4.99
C THR A 48 18.27 -4.17 4.77
N ASN A 49 17.72 -5.11 4.01
CA ASN A 49 18.41 -6.36 3.72
C ASN A 49 19.65 -6.11 2.87
N ILE A 50 19.48 -5.37 1.77
CA ILE A 50 20.58 -5.06 0.88
C ILE A 50 21.65 -4.22 1.60
N VAL A 51 21.21 -3.21 2.33
CA VAL A 51 22.11 -2.34 3.06
C VAL A 51 22.85 -3.11 4.16
N ARG A 52 22.11 -3.92 4.91
CA ARG A 52 22.69 -4.71 5.99
C ARG A 52 23.72 -5.70 5.44
N ASN A 53 23.34 -6.43 4.39
CA ASN A 53 24.22 -7.40 3.78
C ASN A 53 25.49 -6.73 3.26
N GLU A 54 25.33 -5.62 2.57
CA GLU A 54 26.46 -4.89 2.02
C GLU A 54 27.43 -4.45 3.13
N THR A 55 26.87 -3.88 4.19
CA THR A 55 27.67 -3.41 5.31
C THR A 55 28.44 -4.57 5.94
N ASN A 56 27.77 -5.69 6.14
CA ASN A 56 28.39 -6.87 6.73
C ASN A 56 29.42 -7.48 5.77
N ASN A 57 29.20 -7.28 4.48
CA ASN A 57 30.11 -7.81 3.46
C ASN A 57 31.45 -7.08 3.48
N ILE A 58 31.39 -5.76 3.35
CA ILE A 58 32.59 -4.94 3.36
C ILE A 58 33.26 -4.95 4.73
N ASP A 59 32.43 -4.97 5.77
CA ASP A 59 32.94 -4.99 7.15
C ASP A 59 33.64 -6.31 7.46
N GLY A 60 33.04 -7.41 7.02
CA GLY A 60 33.63 -8.71 7.26
C GLY A 60 34.87 -8.95 6.44
N ASN A 61 34.85 -8.52 5.18
CA ASN A 61 35.99 -8.69 4.29
C ASN A 61 37.17 -7.84 4.76
N PHE A 62 36.90 -6.57 5.06
CA PHE A 62 37.93 -5.65 5.51
C PHE A 62 38.50 -6.09 6.86
N LYS A 63 37.60 -6.45 7.78
CA LYS A 63 38.01 -6.89 9.11
C LYS A 63 38.89 -8.13 9.02
N SER A 64 38.44 -9.12 8.24
CA SER A 64 39.19 -10.36 8.08
C SER A 64 40.55 -10.10 7.44
N LYS A 65 40.54 -9.42 6.30
CA LYS A 65 41.77 -9.10 5.59
C LYS A 65 42.74 -8.36 6.49
N LEU A 66 42.23 -7.42 7.27
CA LEU A 66 43.05 -6.64 8.18
C LEU A 66 43.67 -7.53 9.26
N LYS A 67 42.86 -8.40 9.83
CA LYS A 67 43.32 -9.31 10.87
C LYS A 67 44.39 -10.26 10.31
N LYS A 68 44.14 -10.77 9.11
CA LYS A 68 45.08 -11.69 8.48
C LYS A 68 46.41 -11.01 8.19
N ALA A 69 46.35 -9.77 7.70
CA ALA A 69 47.55 -9.01 7.39
C ALA A 69 48.48 -8.94 8.60
N MET A 1 -43.25 -7.26 -12.15
CA MET A 1 -44.06 -7.37 -10.95
C MET A 1 -43.19 -7.35 -9.70
N ALA A 2 -43.83 -7.43 -8.54
CA ALA A 2 -43.13 -7.43 -7.27
C ALA A 2 -42.55 -6.05 -6.96
N SER A 3 -41.53 -5.65 -7.71
CA SER A 3 -40.89 -4.36 -7.51
C SER A 3 -40.47 -3.75 -8.86
N ALA A 4 -41.38 -3.78 -9.82
CA ALA A 4 -41.11 -3.23 -11.14
C ALA A 4 -42.12 -2.14 -11.51
N ILE A 5 -43.35 -2.30 -11.05
CA ILE A 5 -44.40 -1.34 -11.33
C ILE A 5 -45.18 -1.00 -10.07
N THR A 6 -44.50 -1.03 -8.94
CA THR A 6 -45.13 -0.73 -7.66
C THR A 6 -44.73 0.67 -7.17
N ALA A 7 -43.57 1.14 -7.63
CA ALA A 7 -43.09 2.46 -7.24
C ALA A 7 -42.82 2.53 -5.74
N LEU A 8 -41.71 1.93 -5.32
CA LEU A 8 -41.34 1.91 -3.90
C LEU A 8 -41.18 3.34 -3.38
N THR A 9 -40.09 3.99 -3.76
CA THR A 9 -39.81 5.36 -3.33
C THR A 9 -38.58 5.92 -4.02
N PRO A 10 -38.46 7.25 -4.03
CA PRO A 10 -37.32 7.94 -4.66
C PRO A 10 -36.03 7.74 -3.88
N ASN A 11 -36.16 7.27 -2.64
CA ASN A 11 -34.99 7.05 -1.79
C ASN A 11 -34.18 5.86 -2.28
N GLN A 12 -34.77 5.09 -3.20
CA GLN A 12 -34.10 3.92 -3.76
C GLN A 12 -32.73 4.30 -4.32
N VAL A 13 -32.67 5.42 -5.02
CA VAL A 13 -31.43 5.90 -5.61
C VAL A 13 -30.42 6.29 -4.55
N ASN A 14 -30.93 6.84 -3.44
CA ASN A 14 -30.08 7.27 -2.34
C ASN A 14 -29.40 6.08 -1.68
N ASP A 15 -30.18 5.05 -1.35
CA ASP A 15 -29.66 3.85 -0.72
C ASP A 15 -28.73 3.09 -1.67
N GLU A 16 -29.14 2.99 -2.93
CA GLU A 16 -28.35 2.29 -3.93
C GLU A 16 -26.99 2.94 -4.10
N LEU A 17 -26.98 4.26 -4.26
CA LEU A 17 -25.74 5.01 -4.43
C LEU A 17 -24.94 5.04 -3.13
N ASN A 18 -25.64 4.95 -2.00
CA ASN A 18 -25.00 4.97 -0.69
C ASN A 18 -24.12 3.73 -0.51
N LYS A 19 -24.74 2.56 -0.59
CA LYS A 19 -24.01 1.30 -0.43
C LYS A 19 -23.00 1.11 -1.57
N MET A 20 -23.46 1.33 -2.79
CA MET A 20 -22.59 1.18 -3.96
C MET A 20 -21.32 2.00 -3.80
N GLN A 21 -21.48 3.29 -3.51
CA GLN A 21 -20.34 4.18 -3.33
C GLN A 21 -19.46 3.72 -2.18
N ALA A 22 -20.09 3.37 -1.06
CA ALA A 22 -19.36 2.89 0.11
C ALA A 22 -18.51 1.67 -0.22
N PHE A 23 -19.12 0.71 -0.91
CA PHE A 23 -18.42 -0.51 -1.28
C PHE A 23 -17.22 -0.20 -2.19
N ILE A 24 -17.44 0.65 -3.17
CA ILE A 24 -16.39 1.03 -4.10
C ILE A 24 -15.29 1.83 -3.39
N ARG A 25 -15.68 2.56 -2.34
CA ARG A 25 -14.74 3.35 -1.58
C ARG A 25 -13.78 2.47 -0.80
N LYS A 26 -14.33 1.49 -0.09
CA LYS A 26 -13.52 0.57 0.70
C LYS A 26 -12.69 -0.34 -0.19
N GLU A 27 -13.29 -0.78 -1.29
CA GLU A 27 -12.60 -1.65 -2.24
C GLU A 27 -11.43 -0.94 -2.88
N ALA A 28 -11.67 0.28 -3.36
CA ALA A 28 -10.63 1.07 -4.00
C ALA A 28 -9.52 1.43 -3.02
N GLU A 29 -9.91 1.89 -1.83
CA GLU A 29 -8.96 2.27 -0.80
C GLU A 29 -8.17 1.05 -0.31
N GLU A 30 -8.85 -0.09 -0.23
CA GLU A 30 -8.22 -1.32 0.22
C GLU A 30 -7.17 -1.79 -0.77
N LYS A 31 -7.53 -1.78 -2.05
CA LYS A 31 -6.62 -2.21 -3.10
C LYS A 31 -5.42 -1.29 -3.19
N ALA A 32 -5.67 0.01 -3.19
CA ALA A 32 -4.61 1.01 -3.27
C ALA A 32 -3.66 0.88 -2.09
N LYS A 33 -4.22 0.76 -0.89
CA LYS A 33 -3.41 0.63 0.32
C LYS A 33 -2.64 -0.68 0.32
N GLU A 34 -3.26 -1.73 -0.20
CA GLU A 34 -2.63 -3.04 -0.27
C GLU A 34 -1.39 -3.01 -1.16
N ILE A 35 -1.54 -2.44 -2.35
CA ILE A 35 -0.44 -2.33 -3.29
C ILE A 35 0.61 -1.35 -2.80
N GLN A 36 0.17 -0.30 -2.11
CA GLN A 36 1.07 0.72 -1.59
C GLN A 36 1.91 0.16 -0.44
N LEU A 37 1.24 -0.51 0.48
CA LEU A 37 1.92 -1.09 1.64
C LEU A 37 2.78 -2.28 1.23
N LYS A 38 2.32 -3.01 0.21
CA LYS A 38 3.04 -4.18 -0.28
C LYS A 38 4.31 -3.76 -1.00
N ALA A 39 4.20 -2.77 -1.89
CA ALA A 39 5.34 -2.28 -2.64
C ALA A 39 6.34 -1.58 -1.71
N ASP A 40 5.82 -0.74 -0.82
CA ASP A 40 6.66 0.00 0.11
C ASP A 40 7.37 -0.96 1.06
N GLN A 41 6.65 -1.95 1.56
CA GLN A 41 7.21 -2.92 2.48
C GLN A 41 8.29 -3.76 1.80
N GLU A 42 8.00 -4.21 0.58
CA GLU A 42 8.95 -5.02 -0.18
C GLU A 42 10.16 -4.19 -0.60
N TYR A 43 9.92 -2.90 -0.85
CA TYR A 43 11.00 -2.01 -1.27
C TYR A 43 11.96 -1.74 -0.12
N GLU A 44 11.40 -1.50 1.07
CA GLU A 44 12.22 -1.22 2.25
C GLU A 44 12.98 -2.47 2.68
N ILE A 45 12.28 -3.60 2.75
CA ILE A 45 12.89 -4.86 3.15
C ILE A 45 13.97 -5.27 2.16
N GLU A 46 13.66 -5.17 0.87
CA GLU A 46 14.61 -5.55 -0.17
C GLU A 46 15.84 -4.66 -0.14
N LYS A 47 15.62 -3.35 -0.04
CA LYS A 47 16.71 -2.38 0.00
C LYS A 47 17.56 -2.58 1.25
N THR A 48 16.91 -2.72 2.39
CA THR A 48 17.59 -2.92 3.66
C THR A 48 18.36 -4.24 3.67
N ASN A 49 17.82 -5.24 2.97
CA ASN A 49 18.45 -6.54 2.89
C ASN A 49 19.73 -6.49 2.08
N ILE A 50 19.64 -5.90 0.88
CA ILE A 50 20.79 -5.77 0.00
C ILE A 50 21.89 -4.94 0.65
N VAL A 51 21.50 -3.81 1.24
CA VAL A 51 22.45 -2.93 1.90
C VAL A 51 23.07 -3.60 3.13
N ARG A 52 22.24 -4.33 3.88
CA ARG A 52 22.71 -5.02 5.08
C ARG A 52 23.68 -6.13 4.72
N ASN A 53 23.37 -6.88 3.67
CA ASN A 53 24.22 -7.98 3.23
C ASN A 53 25.55 -7.46 2.71
N GLU A 54 25.50 -6.45 1.84
CA GLU A 54 26.70 -5.86 1.28
C GLU A 54 27.56 -5.22 2.37
N THR A 55 26.92 -4.43 3.22
CA THR A 55 27.62 -3.76 4.31
C THR A 55 28.21 -4.77 5.29
N ASN A 56 27.42 -5.78 5.65
CA ASN A 56 27.86 -6.81 6.58
C ASN A 56 29.04 -7.59 6.01
N ASN A 57 29.00 -7.83 4.69
CA ASN A 57 30.06 -8.57 4.02
C ASN A 57 31.36 -7.78 4.04
N ILE A 58 31.30 -6.54 3.54
CA ILE A 58 32.47 -5.68 3.49
C ILE A 58 32.99 -5.37 4.89
N ASP A 59 32.07 -5.07 5.81
CA ASP A 59 32.43 -4.77 7.18
C ASP A 59 33.01 -5.99 7.88
N GLY A 60 32.42 -7.15 7.62
CA GLY A 60 32.89 -8.38 8.23
C GLY A 60 34.26 -8.79 7.73
N ASN A 61 34.51 -8.58 6.44
CA ASN A 61 35.80 -8.93 5.85
C ASN A 61 36.89 -7.98 6.32
N PHE A 62 36.60 -6.69 6.30
CA PHE A 62 37.55 -5.67 6.72
C PHE A 62 37.84 -5.79 8.21
N LYS A 63 36.80 -6.04 9.00
CA LYS A 63 36.95 -6.18 10.44
C LYS A 63 37.68 -7.46 10.79
N SER A 64 37.34 -8.54 10.12
CA SER A 64 37.97 -9.83 10.35
C SER A 64 39.46 -9.79 10.03
N LYS A 65 39.79 -9.19 8.88
CA LYS A 65 41.18 -9.08 8.45
C LYS A 65 41.95 -8.14 9.37
N LEU A 66 41.34 -7.00 9.71
CA LEU A 66 41.98 -6.03 10.58
C LEU A 66 42.26 -6.62 11.95
N LYS A 67 41.32 -7.41 12.46
CA LYS A 67 41.46 -8.04 13.76
C LYS A 67 42.53 -9.14 13.71
N LYS A 68 42.49 -9.96 12.67
CA LYS A 68 43.45 -11.03 12.51
C LYS A 68 44.87 -10.50 12.46
N ALA A 69 45.07 -9.43 11.69
CA ALA A 69 46.38 -8.81 11.55
C ALA A 69 46.93 -8.40 12.91
N MET A 1 -49.84 5.23 6.58
CA MET A 1 -50.26 6.04 7.71
C MET A 1 -51.54 6.81 7.38
N ALA A 2 -51.58 7.37 6.17
CA ALA A 2 -52.75 8.13 5.73
C ALA A 2 -52.60 8.57 4.29
N SER A 3 -51.40 8.97 3.90
CA SER A 3 -51.13 9.42 2.54
C SER A 3 -50.18 8.45 1.83
N ALA A 4 -50.76 7.43 1.21
CA ALA A 4 -49.98 6.42 0.50
C ALA A 4 -49.72 6.87 -0.94
N ILE A 5 -50.69 7.56 -1.52
CA ILE A 5 -50.55 8.05 -2.90
C ILE A 5 -49.43 9.06 -3.02
N THR A 6 -49.17 9.78 -1.94
CA THR A 6 -48.12 10.79 -1.92
C THR A 6 -46.94 10.33 -1.07
N ALA A 7 -46.78 9.03 -0.95
CA ALA A 7 -45.67 8.46 -0.17
C ALA A 7 -44.58 7.91 -1.08
N LEU A 8 -44.43 8.53 -2.25
CA LEU A 8 -43.42 8.10 -3.21
C LEU A 8 -42.03 8.11 -2.58
N THR A 9 -41.47 9.30 -2.39
CA THR A 9 -40.15 9.45 -1.80
C THR A 9 -39.16 8.48 -2.43
N PRO A 10 -38.73 8.79 -3.67
CA PRO A 10 -37.78 7.95 -4.41
C PRO A 10 -36.38 8.02 -3.82
N ASN A 11 -36.16 7.29 -2.73
CA ASN A 11 -34.87 7.26 -2.07
C ASN A 11 -34.01 6.10 -2.59
N GLN A 12 -34.57 5.34 -3.52
CA GLN A 12 -33.86 4.20 -4.09
C GLN A 12 -32.51 4.63 -4.67
N VAL A 13 -32.51 5.75 -5.37
CA VAL A 13 -31.29 6.27 -5.97
C VAL A 13 -30.28 6.69 -4.91
N ASN A 14 -30.76 7.40 -3.89
CA ASN A 14 -29.91 7.86 -2.81
C ASN A 14 -29.23 6.69 -2.11
N ASP A 15 -30.04 5.76 -1.61
CA ASP A 15 -29.53 4.59 -0.92
C ASP A 15 -28.60 3.79 -1.82
N GLU A 16 -29.00 3.62 -3.08
CA GLU A 16 -28.20 2.87 -4.04
C GLU A 16 -26.80 3.47 -4.15
N LEU A 17 -26.73 4.78 -4.30
CA LEU A 17 -25.44 5.47 -4.41
C LEU A 17 -24.66 5.39 -3.11
N ASN A 18 -25.38 5.41 -1.99
CA ASN A 18 -24.75 5.34 -0.68
C ASN A 18 -23.97 4.04 -0.51
N LYS A 19 -24.68 2.92 -0.63
CA LYS A 19 -24.06 1.60 -0.50
C LYS A 19 -23.02 1.38 -1.59
N MET A 20 -23.39 1.68 -2.83
CA MET A 20 -22.47 1.52 -3.96
C MET A 20 -21.18 2.29 -3.72
N GLN A 21 -21.31 3.58 -3.43
CA GLN A 21 -20.15 4.43 -3.19
C GLN A 21 -19.30 3.88 -2.05
N ALA A 22 -19.95 3.47 -0.97
CA ALA A 22 -19.25 2.92 0.18
C ALA A 22 -18.45 1.68 -0.21
N PHE A 23 -19.08 0.78 -0.95
CA PHE A 23 -18.43 -0.45 -1.38
C PHE A 23 -17.21 -0.15 -2.22
N ILE A 24 -17.34 0.78 -3.16
CA ILE A 24 -16.25 1.17 -4.03
C ILE A 24 -15.16 1.89 -3.25
N ARG A 25 -15.54 2.57 -2.18
CA ARG A 25 -14.60 3.30 -1.34
C ARG A 25 -13.69 2.34 -0.59
N LYS A 26 -14.28 1.34 0.04
CA LYS A 26 -13.52 0.35 0.80
C LYS A 26 -12.72 -0.55 -0.13
N GLU A 27 -13.32 -0.94 -1.25
CA GLU A 27 -12.65 -1.79 -2.23
C GLU A 27 -11.46 -1.08 -2.85
N ALA A 28 -11.67 0.16 -3.27
CA ALA A 28 -10.62 0.96 -3.89
C ALA A 28 -9.50 1.25 -2.89
N GLU A 29 -9.89 1.67 -1.68
CA GLU A 29 -8.92 1.99 -0.64
C GLU A 29 -8.17 0.75 -0.20
N GLU A 30 -8.86 -0.39 -0.21
CA GLU A 30 -8.26 -1.65 0.20
C GLU A 30 -7.20 -2.11 -0.81
N LYS A 31 -7.56 -2.06 -2.09
CA LYS A 31 -6.65 -2.46 -3.16
C LYS A 31 -5.44 -1.55 -3.21
N ALA A 32 -5.69 -0.24 -3.16
CA ALA A 32 -4.62 0.74 -3.20
C ALA A 32 -3.70 0.61 -1.99
N LYS A 33 -4.30 0.48 -0.82
CA LYS A 33 -3.54 0.33 0.43
C LYS A 33 -2.78 -0.98 0.44
N GLU A 34 -3.40 -2.04 -0.07
CA GLU A 34 -2.79 -3.35 -0.12
C GLU A 34 -1.53 -3.34 -0.99
N ILE A 35 -1.66 -2.76 -2.18
CA ILE A 35 -0.55 -2.69 -3.12
C ILE A 35 0.51 -1.71 -2.63
N GLN A 36 0.06 -0.64 -1.96
CA GLN A 36 0.97 0.37 -1.43
C GLN A 36 1.78 -0.18 -0.27
N LEU A 37 1.10 -0.84 0.67
CA LEU A 37 1.76 -1.41 1.84
C LEU A 37 2.62 -2.61 1.44
N LYS A 38 2.15 -3.36 0.44
CA LYS A 38 2.87 -4.54 -0.03
C LYS A 38 4.16 -4.13 -0.75
N ALA A 39 4.05 -3.17 -1.65
CA ALA A 39 5.19 -2.69 -2.41
C ALA A 39 6.18 -1.96 -1.50
N ASP A 40 5.65 -1.18 -0.57
CA ASP A 40 6.48 -0.43 0.36
C ASP A 40 7.18 -1.37 1.35
N GLN A 41 6.48 -2.41 1.77
CA GLN A 41 7.02 -3.37 2.70
C GLN A 41 8.11 -4.22 2.05
N GLU A 42 7.82 -4.71 0.84
CA GLU A 42 8.77 -5.54 0.11
C GLU A 42 9.96 -4.71 -0.36
N TYR A 43 9.71 -3.44 -0.65
CA TYR A 43 10.76 -2.53 -1.11
C TYR A 43 11.72 -2.20 0.03
N GLU A 44 11.17 -1.88 1.19
CA GLU A 44 11.98 -1.54 2.35
C GLU A 44 12.77 -2.75 2.84
N ILE A 45 12.10 -3.89 2.95
CA ILE A 45 12.75 -5.11 3.40
C ILE A 45 13.83 -5.56 2.42
N GLU A 46 13.50 -5.53 1.13
CA GLU A 46 14.44 -5.92 0.09
C GLU A 46 15.68 -5.03 0.10
N LYS A 47 15.46 -3.72 0.16
CA LYS A 47 16.56 -2.76 0.18
C LYS A 47 17.45 -2.98 1.40
N THR A 48 16.84 -3.13 2.56
CA THR A 48 17.58 -3.35 3.79
C THR A 48 18.34 -4.67 3.75
N ASN A 49 17.75 -5.67 3.08
CA ASN A 49 18.36 -6.98 2.97
C ASN A 49 19.64 -6.91 2.14
N ILE A 50 19.53 -6.32 0.95
CA ILE A 50 20.68 -6.19 0.06
C ILE A 50 21.78 -5.35 0.69
N VAL A 51 21.38 -4.22 1.29
CA VAL A 51 22.33 -3.33 1.94
C VAL A 51 22.97 -3.99 3.16
N ARG A 52 22.18 -4.78 3.88
CA ARG A 52 22.67 -5.47 5.07
C ARG A 52 23.72 -6.51 4.69
N ASN A 53 23.44 -7.29 3.65
CA ASN A 53 24.36 -8.32 3.19
C ASN A 53 25.64 -7.70 2.66
N GLU A 54 25.50 -6.73 1.76
CA GLU A 54 26.66 -6.05 1.17
C GLU A 54 27.49 -5.37 2.24
N THR A 55 26.83 -4.63 3.12
CA THR A 55 27.51 -3.92 4.20
C THR A 55 28.17 -4.89 5.17
N ASN A 56 27.44 -5.94 5.54
CA ASN A 56 27.96 -6.94 6.46
C ASN A 56 29.17 -7.65 5.87
N ASN A 57 29.16 -7.84 4.55
CA ASN A 57 30.27 -8.50 3.86
C ASN A 57 31.50 -7.61 3.84
N ILE A 58 31.32 -6.37 3.40
CA ILE A 58 32.43 -5.42 3.34
C ILE A 58 32.97 -5.10 4.73
N ASP A 59 32.06 -4.87 5.67
CA ASP A 59 32.45 -4.55 7.04
C ASP A 59 33.07 -5.77 7.72
N GLY A 60 32.49 -6.95 7.49
CA GLY A 60 32.99 -8.16 8.09
C GLY A 60 34.39 -8.50 7.58
N ASN A 61 34.61 -8.30 6.29
CA ASN A 61 35.90 -8.60 5.68
C ASN A 61 36.96 -7.59 6.13
N PHE A 62 36.61 -6.31 6.07
CA PHE A 62 37.52 -5.24 6.46
C PHE A 62 37.83 -5.32 7.95
N LYS A 63 36.80 -5.57 8.76
CA LYS A 63 36.97 -5.67 10.20
C LYS A 63 37.77 -6.91 10.58
N SER A 64 37.45 -8.03 9.94
CA SER A 64 38.15 -9.29 10.20
C SER A 64 39.62 -9.19 9.84
N LYS A 65 39.90 -8.55 8.70
CA LYS A 65 41.28 -8.39 8.24
C LYS A 65 42.04 -7.41 9.14
N LEU A 66 41.37 -6.33 9.53
CA LEU A 66 41.98 -5.32 10.40
C LEU A 66 42.22 -5.88 11.79
N LYS A 67 41.27 -6.69 12.27
CA LYS A 67 41.38 -7.28 13.60
C LYS A 67 42.51 -8.31 13.64
N LYS A 68 42.54 -9.18 12.64
CA LYS A 68 43.57 -10.22 12.57
C LYS A 68 44.93 -9.60 12.26
N ALA A 69 44.93 -8.52 11.50
CA ALA A 69 46.17 -7.84 11.14
C ALA A 69 46.96 -7.44 12.38
N MET A 1 -21.70 25.59 -1.59
CA MET A 1 -21.98 24.77 -2.77
C MET A 1 -23.02 25.43 -3.66
N ALA A 2 -22.73 26.66 -4.09
CA ALA A 2 -23.64 27.39 -4.95
C ALA A 2 -23.83 26.68 -6.29
N SER A 3 -24.97 26.03 -6.45
CA SER A 3 -25.27 25.32 -7.69
C SER A 3 -24.19 24.29 -7.99
N ALA A 4 -23.51 23.81 -6.95
CA ALA A 4 -22.45 22.83 -7.10
C ALA A 4 -23.02 21.44 -7.39
N ILE A 5 -23.58 21.26 -8.57
CA ILE A 5 -24.17 19.99 -8.96
C ILE A 5 -25.12 19.47 -7.89
N THR A 6 -26.25 20.16 -7.73
CA THR A 6 -27.25 19.77 -6.74
C THR A 6 -27.61 18.29 -6.89
N ALA A 7 -28.31 17.96 -7.96
CA ALA A 7 -28.73 16.59 -8.23
C ALA A 7 -29.39 16.47 -9.59
N LEU A 8 -30.64 16.93 -9.68
CA LEU A 8 -31.39 16.87 -10.93
C LEU A 8 -31.62 15.42 -11.35
N THR A 9 -31.43 14.49 -10.42
CA THR A 9 -31.62 13.08 -10.70
C THR A 9 -32.68 12.48 -9.79
N PRO A 10 -33.24 11.33 -10.20
CA PRO A 10 -34.28 10.63 -9.44
C PRO A 10 -33.74 10.01 -8.16
N ASN A 11 -34.56 9.20 -7.51
CA ASN A 11 -34.16 8.55 -6.26
C ASN A 11 -33.33 7.30 -6.55
N GLN A 12 -33.68 6.59 -7.61
CA GLN A 12 -32.97 5.38 -8.00
C GLN A 12 -31.49 5.67 -8.22
N VAL A 13 -31.21 6.76 -8.93
CA VAL A 13 -29.82 7.15 -9.21
C VAL A 13 -29.09 7.52 -7.92
N ASN A 14 -29.75 8.32 -7.08
CA ASN A 14 -29.15 8.74 -5.82
C ASN A 14 -28.73 7.54 -4.98
N ASP A 15 -29.70 6.69 -4.65
CA ASP A 15 -29.43 5.51 -3.84
C ASP A 15 -28.39 4.62 -4.52
N GLU A 16 -28.53 4.44 -5.82
CA GLU A 16 -27.59 3.61 -6.59
C GLU A 16 -26.15 4.08 -6.35
N LEU A 17 -25.92 5.38 -6.45
CA LEU A 17 -24.60 5.95 -6.26
C LEU A 17 -24.17 5.84 -4.80
N ASN A 18 -25.14 5.94 -3.89
CA ASN A 18 -24.87 5.85 -2.46
C ASN A 18 -24.22 4.52 -2.11
N LYS A 19 -24.94 3.43 -2.39
CA LYS A 19 -24.44 2.10 -2.10
C LYS A 19 -23.22 1.77 -2.96
N MET A 20 -23.32 2.04 -4.26
CA MET A 20 -22.23 1.79 -5.18
C MET A 20 -20.94 2.44 -4.70
N GLN A 21 -21.02 3.74 -4.42
CA GLN A 21 -19.85 4.49 -3.95
C GLN A 21 -19.33 3.92 -2.64
N ALA A 22 -20.26 3.63 -1.72
CA ALA A 22 -19.89 3.08 -0.42
C ALA A 22 -19.15 1.76 -0.57
N PHE A 23 -19.68 0.88 -1.42
CA PHE A 23 -19.07 -0.42 -1.65
C PHE A 23 -17.66 -0.26 -2.21
N ILE A 24 -17.52 0.61 -3.19
CA ILE A 24 -16.22 0.86 -3.82
C ILE A 24 -15.26 1.53 -2.84
N ARG A 25 -15.81 2.29 -1.90
CA ARG A 25 -15.01 2.99 -0.91
C ARG A 25 -14.37 2.00 0.06
N LYS A 26 -15.18 1.09 0.58
CA LYS A 26 -14.70 0.09 1.53
C LYS A 26 -13.77 -0.91 0.85
N GLU A 27 -14.18 -1.38 -0.33
CA GLU A 27 -13.38 -2.34 -1.09
C GLU A 27 -12.03 -1.74 -1.46
N ALA A 28 -12.05 -0.52 -1.98
CA ALA A 28 -10.82 0.17 -2.37
C ALA A 28 -9.96 0.49 -1.16
N GLU A 29 -10.61 0.87 -0.06
CA GLU A 29 -9.89 1.21 1.16
C GLU A 29 -9.15 -0.02 1.72
N GLU A 30 -9.84 -1.16 1.73
CA GLU A 30 -9.25 -2.39 2.23
C GLU A 30 -8.12 -2.86 1.33
N LYS A 31 -8.38 -2.89 0.03
CA LYS A 31 -7.39 -3.31 -0.95
C LYS A 31 -6.17 -2.39 -0.92
N ALA A 32 -6.42 -1.08 -0.95
CA ALA A 32 -5.35 -0.10 -0.92
C ALA A 32 -4.52 -0.23 0.35
N LYS A 33 -5.19 -0.37 1.48
CA LYS A 33 -4.51 -0.50 2.77
C LYS A 33 -3.61 -1.73 2.78
N GLU A 34 -4.15 -2.86 2.33
CA GLU A 34 -3.39 -4.10 2.30
C GLU A 34 -2.15 -3.96 1.42
N ILE A 35 -2.34 -3.41 0.22
CA ILE A 35 -1.24 -3.22 -0.72
C ILE A 35 -0.23 -2.21 -0.17
N GLN A 36 -0.70 -1.27 0.64
CA GLN A 36 0.15 -0.26 1.22
C GLN A 36 1.08 -0.86 2.27
N LEU A 37 0.50 -1.67 3.15
CA LEU A 37 1.27 -2.33 4.21
C LEU A 37 2.20 -3.39 3.63
N LYS A 38 1.77 -4.02 2.55
CA LYS A 38 2.56 -5.05 1.90
C LYS A 38 3.77 -4.46 1.19
N ALA A 39 3.55 -3.35 0.48
CA ALA A 39 4.62 -2.67 -0.23
C ALA A 39 5.62 -2.06 0.74
N ASP A 40 5.12 -1.38 1.76
CA ASP A 40 5.97 -0.75 2.76
C ASP A 40 6.75 -1.79 3.55
N GLN A 41 6.08 -2.87 3.94
CA GLN A 41 6.71 -3.94 4.70
C GLN A 41 7.78 -4.64 3.87
N GLU A 42 7.46 -4.94 2.63
CA GLU A 42 8.40 -5.60 1.72
C GLU A 42 9.57 -4.69 1.39
N TYR A 43 9.30 -3.39 1.30
CA TYR A 43 10.33 -2.41 0.98
C TYR A 43 11.30 -2.25 2.15
N GLU A 44 10.76 -2.24 3.36
CA GLU A 44 11.58 -2.09 4.56
C GLU A 44 12.45 -3.32 4.79
N ILE A 45 11.84 -4.49 4.70
CA ILE A 45 12.56 -5.75 4.89
C ILE A 45 13.59 -5.96 3.79
N GLU A 46 13.20 -5.64 2.55
CA GLU A 46 14.09 -5.79 1.41
C GLU A 46 15.31 -4.87 1.53
N LYS A 47 15.04 -3.61 1.85
CA LYS A 47 16.12 -2.62 1.99
C LYS A 47 17.05 -3.01 3.13
N THR A 48 16.48 -3.36 4.27
CA THR A 48 17.27 -3.74 5.43
C THR A 48 18.10 -4.99 5.14
N ASN A 49 17.52 -5.92 4.40
CA ASN A 49 18.20 -7.17 4.05
C ASN A 49 19.42 -6.88 3.17
N ILE A 50 19.20 -6.11 2.10
CA ILE A 50 20.28 -5.76 1.18
C ILE A 50 21.39 -5.00 1.90
N VAL A 51 21.00 -4.03 2.72
CA VAL A 51 21.96 -3.22 3.46
C VAL A 51 22.73 -4.07 4.47
N ARG A 52 22.00 -4.95 5.16
CA ARG A 52 22.61 -5.82 6.16
C ARG A 52 23.66 -6.72 5.53
N ASN A 53 23.30 -7.36 4.42
CA ASN A 53 24.20 -8.26 3.71
C ASN A 53 25.44 -7.50 3.20
N GLU A 54 25.19 -6.37 2.56
CA GLU A 54 26.27 -5.55 2.01
C GLU A 54 27.19 -5.06 3.13
N THR A 55 26.59 -4.53 4.20
CA THR A 55 27.35 -4.03 5.34
C THR A 55 28.22 -5.12 5.94
N ASN A 56 27.66 -6.30 6.10
CA ASN A 56 28.38 -7.43 6.67
C ASN A 56 29.53 -7.86 5.76
N ASN A 57 29.28 -7.83 4.45
CA ASN A 57 30.29 -8.21 3.48
C ASN A 57 31.44 -7.21 3.46
N ILE A 58 31.11 -5.94 3.21
CA ILE A 58 32.11 -4.89 3.16
C ILE A 58 32.89 -4.81 4.48
N ASP A 59 32.17 -4.94 5.59
CA ASP A 59 32.79 -4.89 6.90
C ASP A 59 33.72 -6.08 7.12
N GLY A 60 33.28 -7.25 6.66
CA GLY A 60 34.08 -8.44 6.81
C GLY A 60 35.31 -8.44 5.93
N ASN A 61 35.15 -7.93 4.71
CA ASN A 61 36.27 -7.86 3.76
C ASN A 61 37.30 -6.84 4.21
N PHE A 62 36.82 -5.65 4.59
CA PHE A 62 37.71 -4.59 5.04
C PHE A 62 38.40 -4.96 6.35
N LYS A 63 37.64 -5.54 7.28
CA LYS A 63 38.18 -5.95 8.56
C LYS A 63 39.21 -7.05 8.40
N SER A 64 38.88 -8.05 7.59
CA SER A 64 39.80 -9.16 7.35
C SER A 64 41.05 -8.69 6.61
N LYS A 65 40.87 -7.81 5.64
CA LYS A 65 41.99 -7.28 4.87
C LYS A 65 42.90 -6.44 5.75
N LEU A 66 42.31 -5.55 6.53
CA LEU A 66 43.09 -4.68 7.43
C LEU A 66 43.85 -5.52 8.46
N LYS A 67 43.18 -6.51 9.03
CA LYS A 67 43.80 -7.37 10.03
C LYS A 67 44.89 -8.22 9.40
N LYS A 68 44.67 -8.62 8.14
CA LYS A 68 45.65 -9.45 7.43
C LYS A 68 46.92 -8.66 7.14
N ALA A 69 46.76 -7.40 6.72
CA ALA A 69 47.89 -6.55 6.41
C ALA A 69 48.79 -6.37 7.64
N MET A 1 -20.22 12.79 -15.20
CA MET A 1 -21.43 12.83 -14.37
C MET A 1 -22.48 13.74 -15.01
N ALA A 2 -23.65 13.80 -14.38
CA ALA A 2 -24.74 14.63 -14.87
C ALA A 2 -25.64 15.10 -13.73
N SER A 3 -25.06 15.20 -12.54
CA SER A 3 -25.81 15.64 -11.36
C SER A 3 -25.00 16.63 -10.53
N ALA A 4 -24.10 17.35 -11.20
CA ALA A 4 -23.26 18.34 -10.53
C ALA A 4 -24.10 19.46 -9.93
N ILE A 5 -25.23 19.75 -10.57
CA ILE A 5 -26.12 20.80 -10.10
C ILE A 5 -26.68 20.47 -8.72
N THR A 6 -27.60 19.51 -8.69
CA THR A 6 -28.22 19.09 -7.44
C THR A 6 -28.52 17.59 -7.45
N ALA A 7 -29.37 17.17 -8.37
CA ALA A 7 -29.73 15.76 -8.49
C ALA A 7 -30.56 15.50 -9.74
N LEU A 8 -31.79 15.99 -9.74
CA LEU A 8 -32.68 15.81 -10.88
C LEU A 8 -32.98 14.34 -11.11
N THR A 9 -32.70 13.51 -10.11
CA THR A 9 -32.94 12.08 -10.21
C THR A 9 -33.82 11.58 -9.07
N PRO A 10 -34.45 10.42 -9.26
CA PRO A 10 -35.32 9.81 -8.26
C PRO A 10 -34.55 9.31 -7.04
N ASN A 11 -35.24 8.59 -6.16
CA ASN A 11 -34.62 8.05 -4.96
C ASN A 11 -33.78 6.83 -5.29
N GLN A 12 -34.21 6.07 -6.29
CA GLN A 12 -33.50 4.87 -6.70
C GLN A 12 -32.06 5.19 -7.06
N VAL A 13 -31.85 6.27 -7.80
CA VAL A 13 -30.52 6.68 -8.20
C VAL A 13 -29.68 7.09 -7.00
N ASN A 14 -30.28 7.87 -6.10
CA ASN A 14 -29.58 8.33 -4.90
C ASN A 14 -29.06 7.15 -4.09
N ASP A 15 -29.98 6.29 -3.66
CA ASP A 15 -29.61 5.11 -2.88
C ASP A 15 -28.61 4.25 -3.63
N GLU A 16 -28.86 4.04 -4.92
CA GLU A 16 -27.97 3.24 -5.75
C GLU A 16 -26.53 3.72 -5.65
N LEU A 17 -26.34 5.03 -5.78
CA LEU A 17 -25.01 5.63 -5.71
C LEU A 17 -24.46 5.55 -4.28
N ASN A 18 -25.36 5.64 -3.30
CA ASN A 18 -24.97 5.59 -1.90
C ASN A 18 -24.26 4.28 -1.59
N LYS A 19 -24.95 3.17 -1.80
CA LYS A 19 -24.40 1.84 -1.55
C LYS A 19 -23.24 1.55 -2.50
N MET A 20 -23.47 1.80 -3.79
CA MET A 20 -22.46 1.56 -4.80
C MET A 20 -21.15 2.25 -4.44
N GLN A 21 -21.23 3.55 -4.18
CA GLN A 21 -20.05 4.33 -3.82
C GLN A 21 -19.41 3.80 -2.54
N ALA A 22 -20.24 3.51 -1.55
CA ALA A 22 -19.76 2.99 -0.28
C ALA A 22 -18.99 1.68 -0.46
N PHE A 23 -19.58 0.78 -1.25
CA PHE A 23 -18.95 -0.51 -1.52
C PHE A 23 -17.60 -0.33 -2.20
N ILE A 24 -17.57 0.53 -3.21
CA ILE A 24 -16.33 0.80 -3.96
C ILE A 24 -15.30 1.50 -3.07
N ARG A 25 -15.79 2.27 -2.11
CA ARG A 25 -14.91 2.99 -1.19
C ARG A 25 -14.18 2.03 -0.27
N LYS A 26 -14.93 1.11 0.35
CA LYS A 26 -14.36 0.14 1.26
C LYS A 26 -13.44 -0.83 0.51
N GLU A 27 -13.91 -1.31 -0.64
CA GLU A 27 -13.13 -2.24 -1.45
C GLU A 27 -11.84 -1.60 -1.94
N ALA A 28 -11.96 -0.39 -2.48
CA ALA A 28 -10.81 0.34 -2.98
C ALA A 28 -9.82 0.65 -1.86
N GLU A 29 -10.36 1.01 -0.69
CA GLU A 29 -9.53 1.34 0.46
C GLU A 29 -8.80 0.11 0.98
N GLU A 30 -9.48 -1.04 0.93
CA GLU A 30 -8.90 -2.30 1.39
C GLU A 30 -7.76 -2.74 0.48
N LYS A 31 -8.01 -2.72 -0.82
CA LYS A 31 -7.00 -3.12 -1.80
C LYS A 31 -5.82 -2.15 -1.80
N ALA A 32 -6.12 -0.86 -1.66
CA ALA A 32 -5.09 0.16 -1.64
C ALA A 32 -4.21 0.03 -0.41
N LYS A 33 -4.84 -0.17 0.75
CA LYS A 33 -4.12 -0.31 2.00
C LYS A 33 -3.26 -1.57 2.00
N GLU A 34 -3.81 -2.66 1.46
CA GLU A 34 -3.10 -3.93 1.39
C GLU A 34 -1.87 -3.81 0.50
N ILE A 35 -2.06 -3.23 -0.69
CA ILE A 35 -0.97 -3.07 -1.63
C ILE A 35 0.10 -2.13 -1.08
N GLN A 36 -0.33 -1.09 -0.38
CA GLN A 36 0.59 -0.13 0.21
C GLN A 36 1.36 -0.74 1.38
N LEU A 37 0.69 -1.63 2.11
CA LEU A 37 1.31 -2.30 3.24
C LEU A 37 2.37 -3.30 2.79
N LYS A 38 2.05 -4.04 1.74
CA LYS A 38 2.99 -5.03 1.21
C LYS A 38 4.15 -4.34 0.50
N ALA A 39 3.85 -3.27 -0.23
CA ALA A 39 4.88 -2.53 -0.96
C ALA A 39 5.84 -1.84 0.00
N ASP A 40 5.27 -1.17 1.01
CA ASP A 40 6.08 -0.47 2.00
C ASP A 40 6.88 -1.45 2.85
N GLN A 41 6.23 -2.52 3.27
CA GLN A 41 6.87 -3.55 4.09
C GLN A 41 7.98 -4.26 3.31
N GLU A 42 7.67 -4.62 2.06
CA GLU A 42 8.64 -5.31 1.22
C GLU A 42 9.80 -4.39 0.85
N TYR A 43 9.50 -3.11 0.68
CA TYR A 43 10.52 -2.12 0.33
C TYR A 43 11.44 -1.85 1.51
N GLU A 44 10.86 -1.81 2.71
CA GLU A 44 11.64 -1.55 3.92
C GLU A 44 12.55 -2.73 4.23
N ILE A 45 12.00 -3.93 4.19
CA ILE A 45 12.77 -5.14 4.48
C ILE A 45 13.81 -5.40 3.38
N GLU A 46 13.45 -5.05 2.15
CA GLU A 46 14.35 -5.24 1.01
C GLU A 46 15.55 -4.31 1.10
N LYS A 47 15.28 -3.03 1.36
CA LYS A 47 16.34 -2.04 1.47
C LYS A 47 17.24 -2.33 2.68
N THR A 48 16.62 -2.61 3.82
CA THR A 48 17.36 -2.91 5.04
C THR A 48 18.17 -4.18 4.89
N ASN A 49 17.60 -5.17 4.20
CA ASN A 49 18.28 -6.44 3.99
C ASN A 49 19.52 -6.26 3.11
N ILE A 50 19.33 -5.60 1.98
CA ILE A 50 20.44 -5.35 1.06
C ILE A 50 21.54 -4.55 1.72
N VAL A 51 21.16 -3.50 2.45
CA VAL A 51 22.11 -2.65 3.14
C VAL A 51 22.78 -3.39 4.28
N ARG A 52 22.01 -4.25 4.95
CA ARG A 52 22.53 -5.02 6.08
C ARG A 52 23.57 -6.03 5.61
N ASN A 53 23.24 -6.77 4.56
CA ASN A 53 24.14 -7.78 4.01
C ASN A 53 25.39 -7.13 3.42
N GLU A 54 25.18 -6.06 2.66
CA GLU A 54 26.30 -5.34 2.04
C GLU A 54 27.24 -4.77 3.10
N THR A 55 26.67 -4.11 4.11
CA THR A 55 27.45 -3.53 5.17
C THR A 55 28.22 -4.60 5.95
N ASN A 56 27.55 -5.70 6.25
CA ASN A 56 28.18 -6.79 6.99
C ASN A 56 29.26 -7.46 6.15
N ASN A 57 29.01 -7.57 4.85
CA ASN A 57 29.98 -8.19 3.94
C ASN A 57 31.24 -7.35 3.84
N ILE A 58 31.09 -6.10 3.42
CA ILE A 58 32.21 -5.19 3.28
C ILE A 58 32.96 -5.03 4.60
N ASP A 59 32.21 -4.88 5.68
CA ASP A 59 32.80 -4.72 7.01
C ASP A 59 33.59 -5.96 7.39
N GLY A 60 33.05 -7.13 7.08
CA GLY A 60 33.72 -8.37 7.41
C GLY A 60 34.98 -8.59 6.60
N ASN A 61 34.95 -8.16 5.33
CA ASN A 61 36.11 -8.30 4.45
C ASN A 61 37.23 -7.35 4.87
N PHE A 62 36.87 -6.10 5.13
CA PHE A 62 37.84 -5.09 5.53
C PHE A 62 38.45 -5.43 6.88
N LYS A 63 37.60 -5.84 7.82
CA LYS A 63 38.06 -6.20 9.16
C LYS A 63 38.94 -7.44 9.12
N SER A 64 38.48 -8.46 8.40
CA SER A 64 39.23 -9.70 8.28
C SER A 64 40.56 -9.48 7.55
N LYS A 65 40.47 -8.81 6.40
CA LYS A 65 41.66 -8.53 5.60
C LYS A 65 42.67 -7.71 6.39
N LEU A 66 42.19 -6.69 7.09
CA LEU A 66 43.06 -5.83 7.89
C LEU A 66 43.71 -6.62 9.02
N LYS A 67 42.92 -7.48 9.66
CA LYS A 67 43.43 -8.30 10.76
C LYS A 67 44.49 -9.27 10.26
N LYS A 68 44.26 -9.84 9.09
CA LYS A 68 45.19 -10.80 8.50
C LYS A 68 46.50 -10.10 8.13
N ALA A 69 46.41 -8.91 7.55
CA ALA A 69 47.58 -8.16 7.15
C ALA A 69 48.52 -7.92 8.34
N MET A 1 -33.03 13.15 -18.85
CA MET A 1 -34.16 12.58 -18.13
C MET A 1 -34.23 13.11 -16.70
N ALA A 2 -33.27 12.71 -15.88
CA ALA A 2 -33.24 13.16 -14.48
C ALA A 2 -31.98 12.65 -13.79
N SER A 3 -30.83 12.83 -14.44
CA SER A 3 -29.56 12.38 -13.88
C SER A 3 -28.63 13.57 -13.62
N ALA A 4 -28.83 14.64 -14.39
CA ALA A 4 -28.02 15.84 -14.25
C ALA A 4 -28.33 16.57 -12.95
N ILE A 5 -29.56 16.41 -12.47
CA ILE A 5 -29.99 17.06 -11.23
C ILE A 5 -29.68 16.18 -10.03
N THR A 6 -29.73 14.86 -10.21
CA THR A 6 -29.46 13.93 -9.14
C THR A 6 -30.21 14.30 -7.88
N ALA A 7 -31.39 14.87 -8.05
CA ALA A 7 -32.22 15.28 -6.92
C ALA A 7 -33.67 14.86 -7.11
N LEU A 8 -34.18 15.07 -8.33
CA LEU A 8 -35.56 14.71 -8.66
C LEU A 8 -35.74 13.20 -8.67
N THR A 9 -34.66 12.48 -8.95
CA THR A 9 -34.70 11.03 -9.00
C THR A 9 -35.32 10.44 -7.74
N PRO A 10 -35.79 9.20 -7.83
CA PRO A 10 -36.43 8.50 -6.70
C PRO A 10 -35.42 8.15 -5.61
N ASN A 11 -35.88 7.39 -4.62
CA ASN A 11 -35.01 6.97 -3.52
C ASN A 11 -34.10 5.82 -3.94
N GLN A 12 -34.55 5.05 -4.92
CA GLN A 12 -33.76 3.92 -5.41
C GLN A 12 -32.37 4.37 -5.84
N VAL A 13 -32.29 5.55 -6.45
CA VAL A 13 -31.02 6.09 -6.91
C VAL A 13 -30.11 6.42 -5.74
N ASN A 14 -30.69 7.00 -4.69
CA ASN A 14 -29.92 7.35 -3.50
C ASN A 14 -29.34 6.12 -2.83
N ASP A 15 -30.19 5.12 -2.60
CA ASP A 15 -29.76 3.88 -1.96
C ASP A 15 -28.78 3.13 -2.85
N GLU A 16 -29.07 3.07 -4.14
CA GLU A 16 -28.21 2.38 -5.09
C GLU A 16 -26.81 3.00 -5.11
N LEU A 17 -26.76 4.32 -5.22
CA LEU A 17 -25.49 5.03 -5.26
C LEU A 17 -24.80 4.99 -3.89
N ASN A 18 -25.61 4.88 -2.84
CA ASN A 18 -25.07 4.81 -1.49
C ASN A 18 -24.26 3.54 -1.27
N LYS A 19 -24.92 2.40 -1.45
CA LYS A 19 -24.27 1.10 -1.28
C LYS A 19 -23.13 0.93 -2.29
N MET A 20 -23.42 1.23 -3.55
CA MET A 20 -22.44 1.10 -4.62
C MET A 20 -21.18 1.89 -4.28
N GLN A 21 -21.36 3.17 -3.96
CA GLN A 21 -20.23 4.04 -3.61
C GLN A 21 -19.48 3.50 -2.40
N ALA A 22 -20.24 2.99 -1.43
CA ALA A 22 -19.63 2.44 -0.22
C ALA A 22 -18.80 1.21 -0.52
N PHE A 23 -19.35 0.31 -1.35
CA PHE A 23 -18.66 -0.91 -1.72
C PHE A 23 -17.35 -0.60 -2.44
N ILE A 24 -17.42 0.31 -3.40
CA ILE A 24 -16.24 0.70 -4.17
C ILE A 24 -15.26 1.50 -3.31
N ARG A 25 -15.79 2.19 -2.31
CA ARG A 25 -14.97 2.99 -1.42
C ARG A 25 -14.08 2.11 -0.55
N LYS A 26 -14.70 1.09 0.06
CA LYS A 26 -13.97 0.17 0.92
C LYS A 26 -13.05 -0.73 0.10
N GLU A 27 -13.58 -1.27 -0.99
CA GLU A 27 -12.80 -2.15 -1.85
C GLU A 27 -11.58 -1.43 -2.40
N ALA A 28 -11.78 -0.22 -2.90
CA ALA A 28 -10.70 0.58 -3.46
C ALA A 28 -9.70 0.99 -2.36
N GLU A 29 -10.23 1.47 -1.24
CA GLU A 29 -9.39 1.89 -0.13
C GLU A 29 -8.55 0.74 0.39
N GLU A 30 -9.17 -0.43 0.52
CA GLU A 30 -8.48 -1.62 1.00
C GLU A 30 -7.39 -2.05 0.02
N LYS A 31 -7.74 -2.12 -1.25
CA LYS A 31 -6.80 -2.52 -2.29
C LYS A 31 -5.61 -1.55 -2.35
N ALA A 32 -5.91 -0.25 -2.35
CA ALA A 32 -4.88 0.77 -2.41
C ALA A 32 -3.95 0.67 -1.20
N LYS A 33 -4.54 0.51 -0.02
CA LYS A 33 -3.78 0.41 1.22
C LYS A 33 -2.92 -0.85 1.22
N GLU A 34 -3.48 -1.93 0.69
CA GLU A 34 -2.78 -3.21 0.64
C GLU A 34 -1.53 -3.10 -0.25
N ILE A 35 -1.71 -2.53 -1.44
CA ILE A 35 -0.61 -2.37 -2.38
C ILE A 35 0.39 -1.33 -1.88
N GLN A 36 -0.12 -0.30 -1.20
CA GLN A 36 0.72 0.76 -0.67
C GLN A 36 1.58 0.25 0.49
N LEU A 37 0.95 -0.47 1.41
CA LEU A 37 1.65 -1.01 2.57
C LEU A 37 2.57 -2.15 2.16
N LYS A 38 2.16 -2.91 1.15
CA LYS A 38 2.95 -4.02 0.66
C LYS A 38 4.20 -3.53 -0.07
N ALA A 39 4.03 -2.56 -0.95
CA ALA A 39 5.14 -2.00 -1.71
C ALA A 39 6.09 -1.22 -0.79
N ASP A 40 5.52 -0.44 0.12
CA ASP A 40 6.32 0.35 1.05
C ASP A 40 7.08 -0.56 2.02
N GLN A 41 6.41 -1.59 2.51
CA GLN A 41 7.03 -2.53 3.43
C GLN A 41 8.15 -3.31 2.76
N GLU A 42 7.90 -3.77 1.54
CA GLU A 42 8.89 -4.53 0.79
C GLU A 42 10.06 -3.64 0.38
N TYR A 43 9.76 -2.37 0.10
CA TYR A 43 10.78 -1.41 -0.30
C TYR A 43 11.73 -1.11 0.85
N GLU A 44 11.16 -0.83 2.02
CA GLU A 44 11.94 -0.52 3.21
C GLU A 44 12.79 -1.73 3.63
N ILE A 45 12.14 -2.89 3.71
CA ILE A 45 12.83 -4.12 4.10
C ILE A 45 13.91 -4.49 3.10
N GLU A 46 13.63 -4.28 1.82
CA GLU A 46 14.59 -4.59 0.76
C GLU A 46 15.79 -3.66 0.83
N LYS A 47 15.53 -2.39 1.11
CA LYS A 47 16.59 -1.39 1.21
C LYS A 47 17.51 -1.68 2.40
N THR A 48 16.90 -1.94 3.56
CA THR A 48 17.67 -2.23 4.76
C THR A 48 18.39 -3.56 4.64
N ASN A 49 17.78 -4.51 3.94
CA ASN A 49 18.37 -5.83 3.75
C ASN A 49 19.61 -5.75 2.86
N ILE A 50 19.48 -5.04 1.76
CA ILE A 50 20.59 -4.88 0.82
C ILE A 50 21.74 -4.10 1.45
N VAL A 51 21.40 -3.01 2.12
CA VAL A 51 22.40 -2.18 2.78
C VAL A 51 23.08 -2.93 3.92
N ARG A 52 22.29 -3.65 4.70
CA ARG A 52 22.81 -4.43 5.82
C ARG A 52 23.69 -5.57 5.33
N ASN A 53 23.32 -6.15 4.19
CA ASN A 53 24.06 -7.26 3.62
C ASN A 53 25.41 -6.80 3.09
N GLU A 54 25.41 -5.69 2.35
CA GLU A 54 26.63 -5.14 1.79
C GLU A 54 27.53 -4.59 2.88
N THR A 55 26.92 -3.98 3.90
CA THR A 55 27.66 -3.41 5.01
C THR A 55 28.31 -4.50 5.85
N ASN A 56 27.57 -5.55 6.14
CA ASN A 56 28.07 -6.66 6.94
C ASN A 56 29.11 -7.46 6.16
N ASN A 57 28.88 -7.60 4.86
CA ASN A 57 29.79 -8.34 3.99
C ASN A 57 31.14 -7.63 3.88
N ILE A 58 31.10 -6.35 3.54
CA ILE A 58 32.31 -5.55 3.40
C ILE A 58 33.02 -5.39 4.74
N ASP A 59 32.25 -5.11 5.79
CA ASP A 59 32.80 -4.94 7.12
C ASP A 59 33.41 -6.24 7.63
N GLY A 60 32.74 -7.36 7.37
CA GLY A 60 33.25 -8.64 7.82
C GLY A 60 34.48 -9.07 7.06
N ASN A 61 34.52 -8.78 5.75
CA ASN A 61 35.65 -9.14 4.92
C ASN A 61 36.88 -8.32 5.29
N PHE A 62 36.69 -7.02 5.45
CA PHE A 62 37.79 -6.12 5.81
C PHE A 62 38.29 -6.41 7.22
N LYS A 63 37.36 -6.62 8.14
CA LYS A 63 37.71 -6.91 9.52
C LYS A 63 38.43 -8.25 9.64
N SER A 64 37.94 -9.24 8.92
CA SER A 64 38.53 -10.57 8.93
C SER A 64 39.94 -10.54 8.35
N LYS A 65 40.09 -9.87 7.21
CA LYS A 65 41.38 -9.76 6.55
C LYS A 65 42.37 -8.98 7.40
N LEU A 66 41.88 -7.92 8.04
CA LEU A 66 42.71 -7.08 8.89
C LEU A 66 43.13 -7.83 10.15
N LYS A 67 42.21 -8.59 10.71
CA LYS A 67 42.49 -9.37 11.91
C LYS A 67 43.47 -10.50 11.62
N LYS A 68 43.25 -11.18 10.50
CA LYS A 68 44.12 -12.29 10.10
C LYS A 68 45.52 -11.78 9.76
N ALA A 69 45.58 -10.66 9.06
CA ALA A 69 46.86 -10.07 8.66
C ALA A 69 47.77 -9.87 9.87
#